data_5HHY
#
_entry.id   5HHY
#
_cell.length_a   54.479
_cell.length_b   101.880
_cell.length_c   131.338
_cell.angle_alpha   90.000
_cell.angle_beta   90.000
_cell.angle_gamma   90.000
#
_symmetry.space_group_name_H-M   'P 21 21 21'
#
loop_
_entity.id
_entity.type
_entity.pdbx_description
1 polymer 'Serine--pyruvate aminotransferase'
2 non-polymer '(5-HYDROXY-4,6-DIMETHYLPYRIDIN-3-YL)METHYL DIHYDROGEN PHOSPHATE'
3 water water
#
_entity_poly.entity_id   1
_entity_poly.type   'polypeptide(L)'
_entity_poly.pdbx_seq_one_letter_code
;LLVTPPKALLKPLSIPNQLLLGPGPSNLPPRIMAAGGLQMIGSMSKDMYQIMDEIKEGIQYVFQTRNPLTLVISGSGHCA
LEAALVNVLEPGDSFLVGANGIWGQRAVDIGERIGARVHPMTKDPGGHYTLQEVEEGLAQHKPVLLFLTHGESSTGVLQP
LDGFGELCHRYKCLLLVDSVASLGGTPLYMDRQGIDILYSGSQKALNAPPGTSLISFSDKAKKKMYSRKTKPFSFYLDIK
WLANFWGCDDQPRMYHHTIPVISLYSLRESLALIAEQGLENSWRQHREAAAYLHGRLQALGLQLFVKDPALRLPTVTTVA
VPAGYDWRDIVSYVIDHFDIEIMGGLGPSTGKVLRIGLLGCNATRENVDRVTEALRAALQHCPKKK
;
_entity_poly.pdbx_strand_id   A,B
#
loop_
_chem_comp.id
_chem_comp.type
_chem_comp.name
_chem_comp.formula
PLR non-polymer '(5-HYDROXY-4,6-DIMETHYLPYRIDIN-3-YL)METHYL DIHYDROGEN PHOSPHATE' 'C8 H12 N O5 P'
#
# COMPACT_ATOMS: atom_id res chain seq x y z
N LEU A 1 27.67 16.53 6.29
CA LEU A 1 26.82 15.35 6.14
C LEU A 1 27.40 14.32 5.17
N LEU A 2 27.23 13.06 5.54
CA LEU A 2 27.73 11.95 4.73
C LEU A 2 27.28 12.06 3.26
N VAL A 3 26.02 12.43 3.04
CA VAL A 3 25.37 12.37 1.73
C VAL A 3 24.91 13.76 1.36
N THR A 4 25.20 14.18 0.17
CA THR A 4 24.79 15.48 -0.35
C THR A 4 23.48 15.36 -1.13
N PRO A 5 22.76 16.47 -1.28
CA PRO A 5 21.51 16.46 -2.05
C PRO A 5 21.69 15.84 -3.42
N PRO A 6 20.87 14.87 -3.80
CA PRO A 6 21.10 14.19 -5.09
C PRO A 6 20.88 15.10 -6.28
N LYS A 7 21.90 15.21 -7.13
CA LYS A 7 21.81 16.09 -8.29
C LYS A 7 20.60 15.73 -9.16
N ALA A 8 20.35 14.45 -9.34
CA ALA A 8 19.24 14.06 -10.22
C ALA A 8 17.91 14.58 -9.67
N LEU A 9 17.76 14.59 -8.33
CA LEU A 9 16.54 15.09 -7.71
C LEU A 9 16.37 16.58 -7.88
N LEU A 10 17.43 17.30 -8.20
CA LEU A 10 17.31 18.73 -8.39
C LEU A 10 16.75 19.09 -9.76
N LYS A 11 16.69 18.13 -10.69
CA LYS A 11 16.00 18.33 -11.95
C LYS A 11 14.49 18.12 -11.79
N PRO A 12 13.67 18.74 -12.64
CA PRO A 12 12.22 18.56 -12.51
C PRO A 12 11.75 17.22 -13.03
N LEU A 13 10.65 16.75 -12.45
CA LEU A 13 10.04 15.51 -12.92
C LEU A 13 9.50 15.71 -14.33
N SER A 14 9.72 14.71 -15.18
CA SER A 14 9.31 14.73 -16.57
C SER A 14 8.96 13.30 -16.98
N ILE A 15 7.75 13.10 -17.46
CA ILE A 15 7.35 11.74 -17.80
C ILE A 15 7.01 11.67 -19.28
N PRO A 16 7.31 10.56 -19.95
CA PRO A 16 6.97 10.42 -21.37
C PRO A 16 5.49 10.18 -21.52
N ASN A 17 4.97 10.45 -22.72
N ASN A 17 5.00 10.44 -22.72
CA ASN A 17 3.59 10.10 -23.03
CA ASN A 17 3.64 10.09 -23.09
C ASN A 17 3.60 8.68 -23.60
C ASN A 17 3.66 8.65 -23.60
N GLN A 18 2.99 7.75 -22.88
CA GLN A 18 2.91 6.34 -23.27
C GLN A 18 1.44 5.91 -23.27
N LEU A 19 1.05 5.23 -24.35
CA LEU A 19 -0.22 4.51 -24.47
C LEU A 19 0.00 3.11 -23.93
N LEU A 20 -0.56 2.86 -22.77
CA LEU A 20 -0.30 1.65 -22.00
C LEU A 20 -1.33 0.62 -22.42
N LEU A 21 -0.93 -0.31 -23.29
CA LEU A 21 -1.83 -1.32 -23.84
C LEU A 21 -1.37 -2.71 -23.45
N GLY A 22 -0.78 -2.80 -22.26
CA GLY A 22 -0.43 -4.07 -21.70
C GLY A 22 -1.48 -4.46 -20.68
N PRO A 23 -1.19 -5.50 -19.90
CA PRO A 23 -2.19 -6.01 -18.95
C PRO A 23 -2.38 -5.15 -17.70
N GLY A 24 -1.88 -3.94 -17.70
CA GLY A 24 -2.07 -3.05 -16.57
C GLY A 24 -0.68 -2.69 -16.08
N PRO A 25 -0.55 -1.55 -15.41
CA PRO A 25 -1.55 -0.50 -15.25
C PRO A 25 -1.93 0.17 -16.55
N SER A 26 -3.11 0.78 -16.53
CA SER A 26 -3.72 1.42 -17.67
C SER A 26 -3.63 2.94 -17.54
N ASN A 27 -3.78 3.64 -18.65
CA ASN A 27 -3.84 5.10 -18.63
C ASN A 27 -5.05 5.60 -17.85
N LEU A 28 -4.92 6.87 -17.33
CA LEU A 28 -5.88 7.44 -16.42
C LEU A 28 -6.75 8.42 -17.15
N PRO A 29 -8.07 8.39 -16.95
CA PRO A 29 -8.91 9.40 -17.57
C PRO A 29 -8.81 10.71 -16.83
N PRO A 30 -9.34 11.78 -17.39
CA PRO A 30 -9.17 13.09 -16.78
C PRO A 30 -9.63 13.18 -15.36
N ARG A 31 -10.81 12.62 -15.03
CA ARG A 31 -11.36 12.80 -13.70
C ARG A 31 -10.45 12.13 -12.69
N ILE A 32 -9.80 11.05 -13.10
CA ILE A 32 -8.97 10.34 -12.14
C ILE A 32 -7.65 11.09 -11.92
N MET A 33 -7.06 11.64 -12.98
CA MET A 33 -5.93 12.56 -12.82
C MET A 33 -6.31 13.75 -11.96
N ALA A 34 -7.49 14.32 -12.18
CA ALA A 34 -7.88 15.50 -11.41
C ALA A 34 -7.97 15.17 -9.93
N ALA A 35 -8.60 14.03 -9.58
CA ALA A 35 -8.71 13.62 -8.19
C ALA A 35 -7.34 13.44 -7.56
N GLY A 36 -6.37 12.93 -8.33
CA GLY A 36 -5.04 12.71 -7.80
C GLY A 36 -4.29 13.96 -7.47
N GLY A 37 -4.74 15.11 -7.97
CA GLY A 37 -4.14 16.40 -7.72
C GLY A 37 -4.77 17.20 -6.61
N LEU A 38 -5.63 16.59 -5.81
CA LEU A 38 -6.38 17.29 -4.77
C LEU A 38 -5.58 17.35 -3.48
N GLN A 39 -6.05 18.22 -2.60
CA GLN A 39 -5.45 18.43 -1.30
C GLN A 39 -5.87 17.33 -0.33
N MET A 40 -5.09 17.23 0.74
N MET A 40 -5.08 17.19 0.73
CA MET A 40 -5.34 16.26 1.79
CA MET A 40 -5.36 16.19 1.75
C MET A 40 -6.57 16.65 2.60
C MET A 40 -6.49 16.64 2.67
N ILE A 41 -7.18 15.65 3.22
CA ILE A 41 -8.11 15.84 4.33
C ILE A 41 -7.66 14.88 5.43
N GLY A 42 -8.18 15.09 6.62
CA GLY A 42 -7.80 14.20 7.70
C GLY A 42 -8.09 12.73 7.41
N SER A 43 -7.14 11.83 7.67
CA SER A 43 -7.32 10.42 7.37
C SER A 43 -8.38 9.75 8.26
N MET A 44 -8.85 10.44 9.31
CA MET A 44 -9.89 9.94 10.19
C MET A 44 -11.00 10.98 10.33
N SER A 45 -11.13 11.86 9.35
CA SER A 45 -12.19 12.86 9.39
C SER A 45 -13.53 12.26 8.96
N LYS A 46 -14.60 12.98 9.33
CA LYS A 46 -15.93 12.58 8.92
C LYS A 46 -16.04 12.55 7.39
N ASP A 47 -15.40 13.50 6.72
CA ASP A 47 -15.46 13.56 5.27
C ASP A 47 -14.72 12.38 4.64
N MET A 48 -13.59 11.98 5.22
CA MET A 48 -12.90 10.80 4.73
C MET A 48 -13.78 9.56 4.90
N TYR A 49 -14.45 9.42 6.05
CA TYR A 49 -15.33 8.27 6.23
C TYR A 49 -16.46 8.25 5.22
N GLN A 50 -16.96 9.42 4.80
CA GLN A 50 -18.01 9.43 3.80
C GLN A 50 -17.50 8.91 2.46
N ILE A 51 -16.33 9.39 2.05
CA ILE A 51 -15.72 8.90 0.82
C ILE A 51 -15.53 7.40 0.88
N MET A 52 -14.98 6.92 2.00
CA MET A 52 -14.77 5.49 2.18
C MET A 52 -16.09 4.73 2.05
N ASP A 53 -17.14 5.24 2.68
CA ASP A 53 -18.43 4.58 2.60
C ASP A 53 -18.92 4.53 1.17
N GLU A 54 -18.65 5.59 0.40
CA GLU A 54 -19.06 5.62 -0.99
C GLU A 54 -18.24 4.65 -1.82
N ILE A 55 -16.97 4.49 -1.49
CA ILE A 55 -16.14 3.51 -2.16
C ILE A 55 -16.67 2.12 -1.86
N LYS A 56 -17.03 1.87 -0.59
CA LYS A 56 -17.62 0.59 -0.24
CA LYS A 56 -17.62 0.59 -0.24
C LYS A 56 -18.84 0.28 -1.11
N GLU A 57 -19.74 1.26 -1.28
CA GLU A 57 -20.93 1.04 -2.10
C GLU A 57 -20.52 0.74 -3.52
N GLY A 58 -19.48 1.44 -4.00
CA GLY A 58 -18.98 1.24 -5.33
C GLY A 58 -18.44 -0.18 -5.53
N ILE A 59 -17.68 -0.69 -4.54
CA ILE A 59 -17.16 -2.06 -4.62
C ILE A 59 -18.31 -3.03 -4.60
N GLN A 60 -19.29 -2.79 -3.73
CA GLN A 60 -20.45 -3.68 -3.70
C GLN A 60 -21.17 -3.70 -5.04
N TYR A 61 -21.17 -2.58 -5.75
CA TYR A 61 -21.77 -2.51 -7.08
C TYR A 61 -20.96 -3.30 -8.10
N VAL A 62 -19.65 -3.05 -8.19
CA VAL A 62 -18.85 -3.71 -9.24
C VAL A 62 -18.65 -5.19 -8.95
N PHE A 63 -18.66 -5.59 -7.67
CA PHE A 63 -18.64 -7.01 -7.33
C PHE A 63 -20.02 -7.65 -7.33
N GLN A 64 -21.08 -6.86 -7.26
CA GLN A 64 -22.43 -7.36 -7.19
C GLN A 64 -22.58 -8.22 -5.93
N THR A 65 -22.42 -7.53 -4.81
CA THR A 65 -22.52 -8.14 -3.51
C THR A 65 -23.19 -7.20 -2.52
N ARG A 66 -23.85 -7.80 -1.53
CA ARG A 66 -24.37 -7.08 -0.38
C ARG A 66 -23.56 -7.38 0.87
N ASN A 67 -22.40 -7.97 0.71
CA ASN A 67 -21.59 -8.34 1.87
C ASN A 67 -21.18 -7.08 2.60
N PRO A 68 -21.44 -6.98 3.90
CA PRO A 68 -20.95 -5.80 4.63
C PRO A 68 -19.45 -5.79 4.84
N LEU A 69 -18.76 -6.94 4.84
CA LEU A 69 -17.32 -6.98 5.02
C LEU A 69 -16.68 -6.85 3.64
N THR A 70 -16.69 -5.61 3.17
CA THR A 70 -16.23 -5.19 1.84
C THR A 70 -15.43 -3.92 2.09
N LEU A 71 -14.19 -3.83 1.59
CA LEU A 71 -13.35 -2.67 1.89
C LEU A 71 -12.20 -2.57 0.90
N VAL A 72 -11.39 -1.55 1.06
CA VAL A 72 -10.19 -1.36 0.26
C VAL A 72 -8.99 -1.82 1.03
N ILE A 73 -8.11 -2.56 0.37
CA ILE A 73 -6.83 -2.98 0.93
C ILE A 73 -5.79 -1.94 0.52
N SER A 74 -5.04 -1.44 1.49
CA SER A 74 -3.99 -0.44 1.25
C SER A 74 -2.71 -1.09 0.69
N GLY A 75 -2.83 -1.64 -0.52
CA GLY A 75 -1.73 -2.22 -1.27
C GLY A 75 -2.28 -2.77 -2.57
N SER A 76 -1.37 -3.29 -3.39
CA SER A 76 -1.70 -3.73 -4.74
C SER A 76 -2.49 -5.04 -4.71
N GLY A 77 -2.82 -5.53 -5.90
CA GLY A 77 -3.51 -6.81 -6.03
C GLY A 77 -2.92 -7.90 -5.16
N HIS A 78 -1.59 -8.07 -5.22
CA HIS A 78 -0.92 -9.03 -4.36
C HIS A 78 -1.27 -8.88 -2.91
N CYS A 79 -1.38 -7.65 -2.47
CA CYS A 79 -1.64 -7.43 -1.07
C CYS A 79 -3.05 -7.87 -0.70
N ALA A 80 -4.01 -7.70 -1.60
CA ALA A 80 -5.36 -8.19 -1.35
C ALA A 80 -5.38 -9.70 -1.33
N LEU A 81 -4.62 -10.33 -2.22
CA LEU A 81 -4.51 -11.79 -2.19
C LEU A 81 -3.92 -12.25 -0.86
N GLU A 82 -2.82 -11.64 -0.45
CA GLU A 82 -2.19 -11.98 0.83
C GLU A 82 -3.16 -11.73 1.99
N ALA A 83 -3.92 -10.64 1.94
CA ALA A 83 -4.91 -10.37 2.98
C ALA A 83 -5.95 -11.48 3.09
N ALA A 84 -6.40 -12.03 1.97
CA ALA A 84 -7.37 -13.08 2.01
C ALA A 84 -6.76 -14.33 2.62
N LEU A 85 -5.53 -14.65 2.23
CA LEU A 85 -4.94 -15.93 2.61
C LEU A 85 -4.49 -15.90 4.07
N VAL A 86 -3.83 -14.81 4.50
CA VAL A 86 -3.33 -14.76 5.86
C VAL A 86 -4.49 -14.71 6.86
N ASN A 87 -5.67 -14.21 6.43
CA ASN A 87 -6.80 -14.16 7.36
C ASN A 87 -7.58 -15.45 7.35
N VAL A 88 -7.75 -16.10 6.19
CA VAL A 88 -8.61 -17.27 6.10
C VAL A 88 -7.86 -18.50 6.54
N LEU A 89 -6.62 -18.61 6.10
CA LEU A 89 -5.83 -19.82 6.31
C LEU A 89 -5.08 -19.76 7.60
N GLU A 90 -5.17 -20.84 8.33
CA GLU A 90 -4.41 -21.12 9.53
C GLU A 90 -3.39 -22.21 9.24
N PRO A 91 -2.28 -22.23 9.96
CA PRO A 91 -1.28 -23.28 9.74
C PRO A 91 -1.92 -24.66 9.75
N GLY A 92 -1.59 -25.44 8.76
CA GLY A 92 -2.13 -26.76 8.63
C GLY A 92 -3.36 -26.86 7.74
N ASP A 93 -4.01 -25.74 7.46
CA ASP A 93 -5.22 -25.74 6.64
C ASP A 93 -4.93 -26.20 5.24
N SER A 94 -5.76 -27.14 4.74
CA SER A 94 -5.70 -27.58 3.36
C SER A 94 -6.22 -26.49 2.41
N PHE A 95 -5.43 -26.20 1.39
CA PHE A 95 -5.65 -25.09 0.48
C PHE A 95 -5.52 -25.64 -0.93
N LEU A 96 -6.64 -25.70 -1.66
CA LEU A 96 -6.66 -26.19 -3.03
C LEU A 96 -6.48 -25.01 -3.99
N VAL A 97 -5.54 -25.09 -4.94
CA VAL A 97 -5.21 -23.93 -5.81
C VAL A 97 -5.34 -24.26 -7.30
N GLY A 98 -6.06 -23.40 -8.05
CA GLY A 98 -6.02 -23.41 -9.51
C GLY A 98 -4.70 -22.83 -10.05
N ALA A 99 -3.65 -23.65 -10.15
CA ALA A 99 -2.35 -23.18 -10.65
C ALA A 99 -2.28 -23.41 -12.15
N ASN A 100 -2.95 -22.51 -12.88
CA ASN A 100 -3.02 -22.49 -14.34
C ASN A 100 -2.39 -21.21 -14.90
N GLY A 101 -1.49 -20.60 -14.16
CA GLY A 101 -0.90 -19.34 -14.55
C GLY A 101 -0.15 -18.75 -13.37
N ILE A 102 0.33 -17.53 -13.56
CA ILE A 102 1.17 -16.97 -12.50
C ILE A 102 0.36 -16.73 -11.24
N TRP A 103 -0.93 -16.39 -11.34
CA TRP A 103 -1.66 -15.97 -10.15
C TRP A 103 -1.89 -17.15 -9.21
N GLY A 104 -2.23 -18.32 -9.72
CA GLY A 104 -2.26 -19.50 -8.86
C GLY A 104 -0.88 -19.84 -8.30
N GLN A 105 0.16 -19.67 -9.11
CA GLN A 105 1.49 -19.91 -8.56
C GLN A 105 1.79 -18.94 -7.41
N ARG A 106 1.32 -17.70 -7.50
CA ARG A 106 1.56 -16.77 -6.39
C ARG A 106 0.78 -17.18 -5.14
N ALA A 107 -0.47 -17.66 -5.32
CA ALA A 107 -1.30 -18.12 -4.23
C ALA A 107 -0.66 -19.30 -3.52
N VAL A 108 -0.05 -20.21 -4.30
CA VAL A 108 0.71 -21.32 -3.73
C VAL A 108 1.83 -20.80 -2.84
N ASP A 109 2.59 -19.84 -3.37
CA ASP A 109 3.75 -19.32 -2.65
C ASP A 109 3.32 -18.71 -1.32
N ILE A 110 2.30 -17.85 -1.36
CA ILE A 110 1.80 -17.24 -0.13
C ILE A 110 1.34 -18.31 0.82
N GLY A 111 0.57 -19.28 0.30
CA GLY A 111 0.01 -20.29 1.16
C GLY A 111 1.07 -21.13 1.84
N GLU A 112 2.16 -21.44 1.12
CA GLU A 112 3.25 -22.21 1.73
C GLU A 112 3.89 -21.40 2.83
N ARG A 113 4.06 -20.10 2.61
CA ARG A 113 4.74 -19.24 3.57
C ARG A 113 3.97 -19.16 4.87
N ILE A 114 2.66 -19.25 4.83
CA ILE A 114 1.87 -19.09 6.03
C ILE A 114 1.44 -20.45 6.60
N GLY A 115 2.08 -21.53 6.17
CA GLY A 115 1.87 -22.81 6.80
C GLY A 115 0.69 -23.62 6.28
N ALA A 116 0.03 -23.20 5.20
CA ALA A 116 -1.04 -24.05 4.69
C ALA A 116 -0.42 -25.30 4.07
N ARG A 117 -1.23 -26.35 4.01
CA ARG A 117 -0.88 -27.52 3.22
CA ARG A 117 -0.86 -27.51 3.21
C ARG A 117 -1.50 -27.31 1.85
N VAL A 118 -0.66 -26.99 0.87
CA VAL A 118 -1.09 -26.47 -0.41
C VAL A 118 -1.16 -27.61 -1.41
N HIS A 119 -2.25 -27.64 -2.16
CA HIS A 119 -2.54 -28.67 -3.15
C HIS A 119 -2.81 -27.98 -4.46
N PRO A 120 -1.81 -27.86 -5.31
CA PRO A 120 -2.02 -27.18 -6.59
C PRO A 120 -2.63 -28.14 -7.59
N MET A 121 -3.57 -27.63 -8.33
CA MET A 121 -4.09 -28.32 -9.49
C MET A 121 -3.37 -27.65 -10.65
N THR A 122 -2.27 -28.24 -11.09
CA THR A 122 -1.39 -27.59 -12.05
CA THR A 122 -1.40 -27.58 -12.05
C THR A 122 -1.93 -27.86 -13.45
N LYS A 123 -2.00 -26.80 -14.24
CA LYS A 123 -2.55 -26.87 -15.59
C LYS A 123 -1.68 -26.02 -16.49
N ASP A 124 -1.45 -26.50 -17.70
CA ASP A 124 -0.63 -25.72 -18.63
C ASP A 124 -1.26 -24.36 -18.89
N PRO A 125 -0.46 -23.33 -19.14
CA PRO A 125 -1.00 -22.03 -19.52
C PRO A 125 -1.94 -22.16 -20.68
N GLY A 126 -3.04 -21.46 -20.59
CA GLY A 126 -4.11 -21.55 -21.55
C GLY A 126 -5.25 -22.44 -21.11
N GLY A 127 -5.07 -23.19 -20.02
CA GLY A 127 -6.10 -24.05 -19.52
C GLY A 127 -6.98 -23.36 -18.50
N HIS A 128 -8.12 -23.98 -18.26
CA HIS A 128 -9.06 -23.55 -17.24
C HIS A 128 -9.60 -24.78 -16.54
N TYR A 129 -10.32 -24.57 -15.46
CA TYR A 129 -10.71 -25.68 -14.58
C TYR A 129 -12.18 -25.99 -14.82
N THR A 130 -12.49 -27.29 -14.90
CA THR A 130 -13.84 -27.79 -14.93
C THR A 130 -14.35 -28.11 -13.54
N LEU A 131 -15.69 -28.22 -13.44
CA LEU A 131 -16.31 -28.64 -12.19
C LEU A 131 -15.83 -30.03 -11.78
N GLN A 132 -15.64 -30.93 -12.77
CA GLN A 132 -15.16 -32.27 -12.46
C GLN A 132 -13.78 -32.23 -11.82
N GLU A 133 -12.86 -31.46 -12.41
CA GLU A 133 -11.50 -31.39 -11.90
C GLU A 133 -11.47 -30.86 -10.48
N VAL A 134 -12.20 -29.78 -10.23
CA VAL A 134 -12.23 -29.21 -8.90
C VAL A 134 -12.81 -30.19 -7.90
N GLU A 135 -13.90 -30.87 -8.27
CA GLU A 135 -14.48 -31.81 -7.33
C GLU A 135 -13.51 -32.95 -7.03
N GLU A 136 -12.69 -33.36 -8.00
CA GLU A 136 -11.65 -34.35 -7.71
C GLU A 136 -10.67 -33.80 -6.67
N GLY A 137 -10.35 -32.51 -6.77
CA GLY A 137 -9.46 -31.91 -5.79
C GLY A 137 -10.10 -31.82 -4.42
N LEU A 138 -11.40 -31.48 -4.38
CA LEU A 138 -12.12 -31.43 -3.11
C LEU A 138 -12.18 -32.81 -2.49
N ALA A 139 -12.50 -33.83 -3.31
CA ALA A 139 -12.53 -35.20 -2.84
C ALA A 139 -11.20 -35.57 -2.22
N GLN A 140 -10.13 -35.31 -2.96
CA GLN A 140 -8.81 -35.76 -2.55
C GLN A 140 -8.36 -35.06 -1.29
N HIS A 141 -8.52 -33.74 -1.23
CA HIS A 141 -7.75 -32.91 -0.31
C HIS A 141 -8.57 -32.23 0.77
N LYS A 142 -9.89 -32.26 0.69
CA LYS A 142 -10.80 -31.67 1.68
C LYS A 142 -10.30 -30.30 2.11
N PRO A 143 -10.15 -29.36 1.18
CA PRO A 143 -9.60 -28.05 1.54
C PRO A 143 -10.60 -27.22 2.30
N VAL A 144 -10.05 -26.28 3.07
CA VAL A 144 -10.84 -25.22 3.67
C VAL A 144 -11.07 -24.08 2.69
N LEU A 145 -10.25 -24.00 1.64
CA LEU A 145 -10.30 -22.86 0.75
C LEU A 145 -9.88 -23.32 -0.64
N LEU A 146 -10.60 -22.87 -1.68
CA LEU A 146 -10.19 -23.01 -3.07
C LEU A 146 -9.84 -21.63 -3.62
N PHE A 147 -8.70 -21.54 -4.33
CA PHE A 147 -8.35 -20.35 -5.09
C PHE A 147 -8.54 -20.62 -6.58
N LEU A 148 -9.23 -19.71 -7.25
CA LEU A 148 -9.41 -19.76 -8.70
C LEU A 148 -9.24 -18.35 -9.25
N THR A 149 -8.47 -18.25 -10.33
CA THR A 149 -8.32 -17.00 -11.05
C THR A 149 -9.47 -16.86 -12.04
N HIS A 150 -10.17 -15.73 -11.97
CA HIS A 150 -11.24 -15.45 -12.92
C HIS A 150 -10.65 -15.01 -14.25
N GLY A 151 -9.95 -13.91 -14.23
CA GLY A 151 -9.27 -13.41 -15.41
C GLY A 151 -7.78 -13.69 -15.31
N GLU A 152 -7.32 -14.69 -16.04
CA GLU A 152 -5.93 -15.12 -15.96
C GLU A 152 -5.14 -14.25 -16.90
N SER A 153 -4.69 -13.13 -16.38
CA SER A 153 -4.05 -12.16 -17.25
C SER A 153 -2.66 -12.59 -17.71
N SER A 154 -2.09 -13.65 -17.14
CA SER A 154 -0.83 -14.16 -17.67
C SER A 154 -1.05 -15.09 -18.85
N THR A 155 -2.25 -15.65 -18.99
CA THR A 155 -2.52 -16.62 -20.05
C THR A 155 -3.64 -16.20 -20.95
N GLY A 156 -4.34 -15.12 -20.66
CA GLY A 156 -5.44 -14.68 -21.48
C GLY A 156 -6.72 -15.44 -21.31
N VAL A 157 -6.87 -16.17 -20.21
CA VAL A 157 -7.99 -17.08 -20.02
C VAL A 157 -9.05 -16.45 -19.13
N LEU A 158 -10.31 -16.71 -19.52
CA LEU A 158 -11.51 -16.36 -18.78
C LEU A 158 -12.06 -17.63 -18.17
N GLN A 159 -11.84 -17.79 -16.88
CA GLN A 159 -12.28 -18.96 -16.15
C GLN A 159 -13.79 -18.91 -15.88
N PRO A 160 -14.57 -19.91 -16.33
CA PRO A 160 -15.99 -19.96 -15.92
C PRO A 160 -16.12 -20.05 -14.40
N LEU A 161 -17.07 -19.31 -13.83
CA LEU A 161 -17.28 -19.38 -12.39
C LEU A 161 -18.59 -20.03 -11.96
N ASP A 162 -19.58 -20.16 -12.84
CA ASP A 162 -20.87 -20.71 -12.40
C ASP A 162 -20.69 -22.13 -11.85
N GLY A 163 -21.37 -22.44 -10.77
CA GLY A 163 -21.33 -23.78 -10.20
C GLY A 163 -20.22 -24.06 -9.21
N PHE A 164 -19.12 -23.31 -9.26
CA PHE A 164 -18.02 -23.61 -8.37
C PHE A 164 -18.34 -23.29 -6.91
N GLY A 165 -19.04 -22.17 -6.66
CA GLY A 165 -19.38 -21.82 -5.30
C GLY A 165 -20.24 -22.89 -4.64
N GLU A 166 -21.30 -23.31 -5.33
CA GLU A 166 -22.19 -24.33 -4.78
C GLU A 166 -21.43 -25.62 -4.50
N LEU A 167 -20.52 -25.98 -5.41
CA LEU A 167 -19.72 -27.19 -5.25
C LEU A 167 -18.82 -27.07 -4.02
N CYS A 168 -18.09 -25.94 -3.90
CA CYS A 168 -17.24 -25.75 -2.74
C CYS A 168 -18.06 -25.80 -1.48
N HIS A 169 -19.23 -25.15 -1.47
CA HIS A 169 -19.97 -25.07 -0.22
C HIS A 169 -20.43 -26.45 0.25
N ARG A 170 -20.80 -27.34 -0.68
CA ARG A 170 -21.18 -28.70 -0.32
C ARG A 170 -20.06 -29.38 0.44
N TYR A 171 -18.81 -29.16 -0.01
CA TYR A 171 -17.61 -29.74 0.57
C TYR A 171 -17.04 -28.88 1.70
N LYS A 172 -17.79 -27.89 2.16
CA LYS A 172 -17.43 -26.99 3.26
C LYS A 172 -16.09 -26.31 2.98
N CYS A 173 -15.94 -25.93 1.72
CA CYS A 173 -14.80 -25.21 1.22
C CYS A 173 -15.27 -23.79 0.87
N LEU A 174 -14.43 -22.83 1.16
CA LEU A 174 -14.66 -21.45 0.77
C LEU A 174 -14.07 -21.22 -0.61
N LEU A 175 -14.71 -20.34 -1.37
CA LEU A 175 -14.27 -20.05 -2.74
C LEU A 175 -13.65 -18.67 -2.76
N LEU A 176 -12.39 -18.61 -3.14
CA LEU A 176 -11.63 -17.36 -3.28
C LEU A 176 -11.37 -17.15 -4.75
N VAL A 177 -11.68 -15.95 -5.24
CA VAL A 177 -11.57 -15.65 -6.66
C VAL A 177 -10.76 -14.37 -6.87
N ASP A 178 -9.81 -14.43 -7.79
CA ASP A 178 -9.05 -13.28 -8.23
C ASP A 178 -9.78 -12.71 -9.45
N SER A 179 -10.29 -11.50 -9.32
CA SER A 179 -10.92 -10.78 -10.41
CA SER A 179 -10.90 -10.80 -10.44
C SER A 179 -10.17 -9.48 -10.72
N VAL A 180 -8.88 -9.43 -10.43
CA VAL A 180 -8.10 -8.21 -10.66
C VAL A 180 -8.18 -7.82 -12.12
N ALA A 181 -8.08 -8.79 -13.03
CA ALA A 181 -8.10 -8.49 -14.46
C ALA A 181 -9.48 -8.56 -15.10
N SER A 182 -10.44 -9.20 -14.45
CA SER A 182 -11.75 -9.39 -15.05
C SER A 182 -12.74 -8.32 -14.63
N LEU A 183 -12.56 -7.73 -13.45
CA LEU A 183 -13.54 -6.80 -12.90
C LEU A 183 -13.86 -5.66 -13.86
N GLY A 184 -15.14 -5.48 -14.14
CA GLY A 184 -15.55 -4.44 -15.07
C GLY A 184 -15.43 -4.80 -16.53
N GLY A 185 -14.74 -5.89 -16.86
CA GLY A 185 -14.55 -6.26 -18.25
C GLY A 185 -15.40 -7.42 -18.65
N THR A 186 -15.98 -8.14 -17.69
CA THR A 186 -16.64 -9.38 -18.05
C THR A 186 -17.61 -9.73 -16.93
N PRO A 187 -18.67 -10.49 -17.19
CA PRO A 187 -19.69 -10.72 -16.15
C PRO A 187 -19.10 -11.36 -14.90
N LEU A 188 -19.57 -10.86 -13.76
CA LEU A 188 -19.13 -11.33 -12.46
C LEU A 188 -20.19 -10.98 -11.43
N TYR A 189 -20.62 -11.98 -10.65
CA TYR A 189 -21.72 -11.76 -9.71
C TYR A 189 -21.35 -12.46 -8.41
N MET A 190 -20.76 -11.71 -7.50
CA MET A 190 -20.17 -12.36 -6.34
C MET A 190 -21.21 -13.17 -5.58
N ASP A 191 -22.32 -12.55 -5.20
CA ASP A 191 -23.28 -13.28 -4.36
C ASP A 191 -23.99 -14.37 -5.14
N ARG A 192 -24.40 -14.08 -6.37
CA ARG A 192 -25.09 -15.08 -7.17
C ARG A 192 -24.20 -16.29 -7.41
N GLN A 193 -22.91 -16.08 -7.58
CA GLN A 193 -22.01 -17.17 -7.90
C GLN A 193 -21.38 -17.79 -6.65
N GLY A 194 -21.84 -17.40 -5.46
CA GLY A 194 -21.41 -18.07 -4.23
C GLY A 194 -19.94 -17.90 -3.93
N ILE A 195 -19.36 -16.81 -4.39
CA ILE A 195 -17.96 -16.55 -4.10
C ILE A 195 -17.86 -16.06 -2.65
N ASP A 196 -16.92 -16.62 -1.90
CA ASP A 196 -16.75 -16.22 -0.52
C ASP A 196 -15.75 -15.10 -0.30
N ILE A 197 -14.67 -15.07 -1.05
CA ILE A 197 -13.73 -13.97 -1.00
C ILE A 197 -13.48 -13.58 -2.44
N LEU A 198 -13.60 -12.31 -2.73
CA LEU A 198 -13.40 -11.78 -4.08
C LEU A 198 -12.51 -10.59 -3.96
N TYR A 199 -11.46 -10.52 -4.79
CA TYR A 199 -10.63 -9.35 -4.74
C TYR A 199 -10.38 -8.89 -6.17
N SER A 200 -10.09 -7.61 -6.29
CA SER A 200 -9.65 -7.03 -7.55
C SER A 200 -8.63 -5.95 -7.25
N GLY A 201 -8.19 -5.22 -8.29
CA GLY A 201 -7.24 -4.17 -8.12
C GLY A 201 -7.69 -2.89 -8.79
N SER A 202 -6.99 -1.83 -8.46
CA SER A 202 -7.41 -0.49 -8.88
C SER A 202 -7.00 -0.20 -10.32
N GLN A 203 -5.94 -0.81 -10.84
CA GLN A 203 -5.26 -0.30 -12.02
C GLN A 203 -5.59 -1.03 -13.30
N LYS A 204 -6.60 -1.90 -13.30
CA LYS A 204 -6.92 -2.65 -14.51
C LYS A 204 -8.09 -1.92 -15.16
N ALA A 205 -9.24 -2.55 -15.34
CA ALA A 205 -10.32 -1.87 -16.06
C ALA A 205 -10.86 -0.66 -15.32
N LEU A 206 -10.60 -0.53 -14.02
CA LEU A 206 -11.11 0.64 -13.31
C LEU A 206 -10.32 1.89 -13.67
N ASN A 207 -9.10 1.73 -14.21
CA ASN A 207 -8.29 2.86 -14.65
C ASN A 207 -7.90 3.79 -13.53
N ALA A 208 -7.88 3.31 -12.30
CA ALA A 208 -7.28 4.08 -11.22
C ALA A 208 -5.79 3.79 -11.15
N PRO A 209 -5.03 4.60 -10.42
CA PRO A 209 -3.63 4.33 -10.27
C PRO A 209 -3.40 3.05 -9.48
N PRO A 210 -2.30 2.37 -9.72
CA PRO A 210 -2.05 1.15 -8.95
C PRO A 210 -1.72 1.50 -7.51
N GLY A 211 -2.01 0.55 -6.64
CA GLY A 211 -1.58 0.72 -5.26
C GLY A 211 -2.64 0.37 -4.25
N THR A 212 -3.90 0.32 -4.68
CA THR A 212 -5.02 -0.11 -3.85
C THR A 212 -5.65 -1.33 -4.49
N SER A 213 -6.39 -2.04 -3.65
CA SER A 213 -7.10 -3.18 -4.13
C SER A 213 -8.42 -3.30 -3.37
N LEU A 214 -9.32 -4.08 -3.97
CA LEU A 214 -10.70 -4.22 -3.52
CA LEU A 214 -10.69 -4.23 -3.49
C LEU A 214 -10.93 -5.64 -3.00
N ILE A 215 -11.67 -5.77 -1.90
CA ILE A 215 -11.92 -7.10 -1.34
C ILE A 215 -13.28 -7.15 -0.65
N SER A 216 -13.89 -8.32 -0.72
CA SER A 216 -15.15 -8.60 -0.07
C SER A 216 -15.14 -10.03 0.44
N PHE A 217 -15.74 -10.21 1.61
CA PHE A 217 -15.84 -11.49 2.26
C PHE A 217 -17.30 -11.79 2.56
N SER A 218 -17.68 -13.03 2.30
CA SER A 218 -18.99 -13.55 2.67
C SER A 218 -19.07 -13.83 4.15
N ASP A 219 -20.31 -14.10 4.60
CA ASP A 219 -20.51 -14.49 5.99
C ASP A 219 -19.75 -15.78 6.31
N LYS A 220 -19.75 -16.77 5.39
CA LYS A 220 -18.98 -17.98 5.69
C LYS A 220 -17.50 -17.68 5.83
N ALA A 221 -16.97 -16.78 5.00
CA ALA A 221 -15.55 -16.43 5.12
C ALA A 221 -15.29 -15.71 6.45
N LYS A 222 -16.13 -14.73 6.78
CA LYS A 222 -16.00 -14.05 8.05
C LYS A 222 -15.97 -15.04 9.23
N LYS A 223 -16.85 -16.05 9.21
CA LYS A 223 -16.90 -17.00 10.32
C LYS A 223 -15.55 -17.67 10.50
N LYS A 224 -14.90 -18.03 9.40
CA LYS A 224 -13.58 -18.62 9.50
C LYS A 224 -12.58 -17.63 10.07
N MET A 225 -12.51 -16.44 9.48
CA MET A 225 -11.48 -15.51 9.91
C MET A 225 -11.68 -15.09 11.35
N TYR A 226 -12.92 -15.09 11.84
CA TYR A 226 -13.22 -14.60 13.19
C TYR A 226 -13.24 -15.71 14.23
N SER A 227 -12.92 -16.93 13.84
CA SER A 227 -12.83 -18.04 14.80
C SER A 227 -11.50 -18.75 14.67
N ARG A 228 -10.45 -18.03 14.29
CA ARG A 228 -9.11 -18.61 14.24
C ARG A 228 -8.61 -18.87 15.65
N LYS A 229 -7.73 -19.86 15.78
CA LYS A 229 -7.07 -20.16 17.04
C LYS A 229 -5.79 -19.38 17.23
N THR A 230 -5.33 -18.70 16.19
CA THR A 230 -4.09 -17.94 16.21
C THR A 230 -4.40 -16.65 15.48
N LYS A 231 -3.64 -15.62 15.83
CA LYS A 231 -3.75 -14.38 15.10
C LYS A 231 -3.09 -14.52 13.73
N PRO A 232 -3.63 -13.83 12.72
CA PRO A 232 -2.93 -13.75 11.44
C PRO A 232 -1.48 -13.32 11.58
N PHE A 233 -0.61 -13.85 10.70
CA PHE A 233 0.80 -13.44 10.70
C PHE A 233 0.99 -11.95 10.37
N SER A 234 -0.02 -11.30 9.82
CA SER A 234 0.08 -9.89 9.48
C SER A 234 -0.82 -9.06 10.37
N PHE A 235 -0.25 -7.99 10.91
CA PHE A 235 -1.03 -6.95 11.56
C PHE A 235 -1.62 -5.98 10.53
N TYR A 236 -0.82 -5.57 9.54
CA TYR A 236 -1.22 -4.63 8.50
C TYR A 236 -2.43 -5.13 7.75
N LEU A 237 -2.57 -6.45 7.63
CA LEU A 237 -3.67 -7.05 6.87
C LEU A 237 -4.68 -7.77 7.75
N ASP A 238 -4.63 -7.55 9.06
CA ASP A 238 -5.57 -8.21 9.95
C ASP A 238 -6.97 -7.69 9.67
N ILE A 239 -7.87 -8.59 9.30
CA ILE A 239 -9.19 -8.17 8.83
C ILE A 239 -10.04 -7.65 9.98
N LYS A 240 -9.80 -8.10 11.21
CA LYS A 240 -10.61 -7.60 12.31
C LYS A 240 -10.36 -6.11 12.49
N TRP A 241 -9.10 -5.70 12.46
CA TRP A 241 -8.76 -4.29 12.51
C TRP A 241 -9.29 -3.54 11.28
N LEU A 242 -9.05 -4.09 10.09
CA LEU A 242 -9.46 -3.41 8.88
C LEU A 242 -10.99 -3.29 8.80
N ALA A 243 -11.71 -4.36 9.17
CA ALA A 243 -13.16 -4.35 9.17
C ALA A 243 -13.69 -3.24 10.08
N ASN A 244 -13.08 -3.08 11.23
CA ASN A 244 -13.50 -2.03 12.13
C ASN A 244 -13.27 -0.64 11.52
N PHE A 245 -12.07 -0.39 11.03
CA PHE A 245 -11.80 0.97 10.54
C PHE A 245 -12.64 1.34 9.33
N TRP A 246 -13.04 0.34 8.51
CA TRP A 246 -13.87 0.55 7.33
C TRP A 246 -15.36 0.54 7.64
N GLY A 247 -15.72 0.54 8.92
CA GLY A 247 -17.11 0.67 9.32
C GLY A 247 -17.93 -0.56 9.01
N CYS A 248 -17.32 -1.75 9.06
CA CYS A 248 -18.02 -2.97 8.71
C CYS A 248 -18.52 -3.72 9.91
N ASP A 249 -18.13 -3.32 11.12
CA ASP A 249 -18.60 -3.97 12.34
C ASP A 249 -19.37 -2.95 13.18
N ASP A 250 -19.95 -3.44 14.28
CA ASP A 250 -20.82 -2.63 15.13
C ASP A 250 -20.04 -1.92 16.24
N GLN A 251 -18.87 -1.39 15.93
CA GLN A 251 -18.06 -0.63 16.88
C GLN A 251 -17.58 0.63 16.18
N PRO A 252 -17.31 1.68 16.92
CA PRO A 252 -16.76 2.89 16.29
C PRO A 252 -15.37 2.63 15.75
N ARG A 253 -15.03 3.33 14.67
CA ARG A 253 -13.79 3.06 13.97
C ARG A 253 -12.59 3.47 14.82
N MET A 254 -11.62 2.55 14.94
N MET A 254 -11.62 2.56 14.94
CA MET A 254 -10.38 2.79 15.65
CA MET A 254 -10.38 2.85 15.65
C MET A 254 -9.22 2.88 14.67
C MET A 254 -9.21 2.86 14.69
N TYR A 255 -8.24 3.71 15.01
CA TYR A 255 -7.06 3.80 14.18
C TYR A 255 -6.35 2.46 14.08
N HIS A 256 -6.08 2.06 12.84
CA HIS A 256 -5.24 0.90 12.53
C HIS A 256 -3.95 1.34 11.85
N HIS A 257 -4.07 1.87 10.62
CA HIS A 257 -2.98 2.45 9.87
C HIS A 257 -3.57 3.57 9.03
N THR A 258 -2.72 4.44 8.52
CA THR A 258 -3.21 5.57 7.72
C THR A 258 -3.55 5.12 6.29
N ILE A 259 -4.81 5.27 5.89
CA ILE A 259 -5.25 4.86 4.56
C ILE A 259 -4.72 5.87 3.55
N PRO A 260 -4.57 5.45 2.23
CA PRO A 260 -3.94 6.31 1.22
C PRO A 260 -4.97 7.28 0.67
N VAL A 261 -5.16 8.37 1.42
CA VAL A 261 -6.26 9.31 1.18
C VAL A 261 -6.39 9.69 -0.28
N ILE A 262 -5.28 10.11 -0.90
CA ILE A 262 -5.38 10.63 -2.27
C ILE A 262 -5.72 9.49 -3.22
N SER A 263 -5.14 8.31 -2.99
CA SER A 263 -5.52 7.17 -3.81
C SER A 263 -7.01 6.85 -3.67
N LEU A 264 -7.57 7.03 -2.49
CA LEU A 264 -8.98 6.81 -2.30
C LEU A 264 -9.83 7.83 -3.04
N TYR A 265 -9.39 9.09 -3.13
CA TYR A 265 -10.09 9.99 -4.04
C TYR A 265 -10.18 9.38 -5.43
N SER A 266 -9.03 8.95 -5.95
CA SER A 266 -8.97 8.49 -7.32
C SER A 266 -9.77 7.23 -7.50
N LEU A 267 -9.70 6.31 -6.53
CA LEU A 267 -10.51 5.12 -6.60
C LEU A 267 -11.98 5.47 -6.57
N ARG A 268 -12.38 6.39 -5.68
CA ARG A 268 -13.76 6.83 -5.65
C ARG A 268 -14.22 7.28 -7.03
N GLU A 269 -13.40 8.08 -7.69
CA GLU A 269 -13.76 8.58 -9.02
C GLU A 269 -13.82 7.46 -10.06
N SER A 270 -12.96 6.45 -9.94
CA SER A 270 -13.00 5.32 -10.88
C SER A 270 -14.27 4.50 -10.67
N LEU A 271 -14.71 4.40 -9.43
CA LEU A 271 -15.95 3.68 -9.17
C LEU A 271 -17.15 4.50 -9.60
N ALA A 272 -17.05 5.83 -9.49
CA ALA A 272 -18.12 6.69 -9.98
C ALA A 272 -18.25 6.58 -11.49
N LEU A 273 -17.12 6.49 -12.18
CA LEU A 273 -17.12 6.42 -13.62
C LEU A 273 -17.81 5.16 -14.11
N ILE A 274 -17.50 4.01 -13.49
CA ILE A 274 -18.12 2.80 -13.97
C ILE A 274 -19.57 2.73 -13.52
N ALA A 275 -19.90 3.35 -12.38
CA ALA A 275 -21.30 3.42 -11.96
C ALA A 275 -22.11 4.26 -12.94
N GLU A 276 -21.49 5.32 -13.50
CA GLU A 276 -22.13 6.13 -14.52
C GLU A 276 -22.31 5.35 -15.80
N GLN A 277 -21.28 4.59 -16.19
CA GLN A 277 -21.34 3.84 -17.44
C GLN A 277 -22.36 2.72 -17.35
N GLY A 278 -22.43 2.04 -16.19
CA GLY A 278 -23.16 0.81 -16.03
C GLY A 278 -22.31 -0.42 -16.29
N LEU A 279 -22.32 -1.34 -15.32
CA LEU A 279 -21.55 -2.58 -15.48
C LEU A 279 -21.80 -3.25 -16.82
N GLU A 280 -23.06 -3.49 -17.16
CA GLU A 280 -23.32 -4.30 -18.35
C GLU A 280 -22.83 -3.59 -19.60
N ASN A 281 -22.93 -2.25 -19.63
CA ASN A 281 -22.37 -1.49 -20.73
C ASN A 281 -20.84 -1.60 -20.77
N SER A 282 -20.19 -1.61 -19.60
CA SER A 282 -18.76 -1.81 -19.57
C SER A 282 -18.41 -3.20 -20.11
N TRP A 283 -19.13 -4.23 -19.67
CA TRP A 283 -18.90 -5.55 -20.25
C TRP A 283 -19.09 -5.54 -21.75
N ARG A 284 -20.11 -4.84 -22.25
CA ARG A 284 -20.32 -4.78 -23.69
C ARG A 284 -19.11 -4.19 -24.38
N GLN A 285 -18.65 -3.03 -23.90
CA GLN A 285 -17.54 -2.32 -24.50
C GLN A 285 -16.30 -3.21 -24.59
N HIS A 286 -15.99 -3.94 -23.52
CA HIS A 286 -14.79 -4.76 -23.50
C HIS A 286 -14.92 -5.94 -24.43
N ARG A 287 -16.07 -6.60 -24.37
CA ARG A 287 -16.35 -7.74 -25.24
C ARG A 287 -16.15 -7.36 -26.70
N GLU A 288 -16.73 -6.23 -27.11
CA GLU A 288 -16.65 -5.86 -28.53
C GLU A 288 -15.26 -5.37 -28.90
N ALA A 289 -14.60 -4.61 -28.01
CA ALA A 289 -13.23 -4.18 -28.29
C ALA A 289 -12.32 -5.39 -28.46
N ALA A 290 -12.44 -6.37 -27.58
CA ALA A 290 -11.62 -7.57 -27.69
C ALA A 290 -11.92 -8.34 -28.98
N ALA A 291 -13.20 -8.44 -29.35
CA ALA A 291 -13.57 -9.13 -30.60
C ALA A 291 -12.94 -8.42 -31.80
N TYR A 292 -12.99 -7.10 -31.79
CA TYR A 292 -12.33 -6.31 -32.84
C TYR A 292 -10.84 -6.57 -32.85
N LEU A 293 -10.20 -6.54 -31.68
CA LEU A 293 -8.77 -6.83 -31.62
C LEU A 293 -8.47 -8.21 -32.16
N HIS A 294 -9.27 -9.20 -31.76
CA HIS A 294 -8.98 -10.57 -32.20
C HIS A 294 -8.93 -10.65 -33.72
N GLY A 295 -9.89 -10.01 -34.39
CA GLY A 295 -9.91 -10.06 -35.84
C GLY A 295 -8.77 -9.30 -36.49
N ARG A 296 -8.38 -8.19 -35.88
CA ARG A 296 -7.26 -7.44 -36.43
C ARG A 296 -5.94 -8.21 -36.25
N LEU A 297 -5.74 -8.86 -35.10
CA LEU A 297 -4.52 -9.65 -34.90
C LEU A 297 -4.48 -10.83 -35.84
N GLN A 298 -5.61 -11.48 -36.03
CA GLN A 298 -5.70 -12.58 -36.96
C GLN A 298 -5.40 -12.15 -38.39
N ALA A 299 -5.86 -10.96 -38.78
CA ALA A 299 -5.62 -10.49 -40.13
C ALA A 299 -4.13 -10.30 -40.40
N LEU A 300 -3.34 -10.02 -39.34
CA LEU A 300 -1.88 -9.90 -39.40
C LEU A 300 -1.19 -11.25 -39.50
N GLY A 301 -1.95 -12.34 -39.46
CA GLY A 301 -1.35 -13.63 -39.44
C GLY A 301 -0.97 -14.07 -38.06
N LEU A 302 -1.36 -13.32 -37.04
CA LEU A 302 -1.06 -13.69 -35.67
C LEU A 302 -2.10 -14.67 -35.17
N GLN A 303 -1.66 -15.54 -34.27
CA GLN A 303 -2.53 -16.57 -33.71
C GLN A 303 -2.83 -16.25 -32.26
N LEU A 304 -4.10 -16.31 -31.93
CA LEU A 304 -4.54 -16.14 -30.55
C LEU A 304 -4.17 -17.37 -29.75
N PHE A 305 -3.63 -17.13 -28.55
CA PHE A 305 -3.08 -18.20 -27.74
C PHE A 305 -4.18 -19.07 -27.14
N VAL A 306 -5.33 -18.48 -26.79
CA VAL A 306 -6.49 -19.19 -26.30
C VAL A 306 -7.39 -19.40 -27.52
N LYS A 307 -7.58 -20.64 -27.94
CA LYS A 307 -8.26 -20.87 -29.20
C LYS A 307 -9.78 -20.76 -29.08
N ASP A 308 -10.34 -21.19 -28.00
CA ASP A 308 -11.79 -21.09 -27.84
C ASP A 308 -12.19 -19.65 -27.54
N PRO A 309 -12.96 -19.00 -28.41
CA PRO A 309 -13.30 -17.58 -28.13
C PRO A 309 -14.03 -17.40 -26.82
N ALA A 310 -14.86 -18.36 -26.43
CA ALA A 310 -15.58 -18.32 -25.16
C ALA A 310 -14.66 -18.28 -23.95
N LEU A 311 -13.40 -18.68 -24.11
CA LEU A 311 -12.45 -18.77 -23.00
C LEU A 311 -11.45 -17.64 -23.02
N ARG A 312 -11.63 -16.68 -23.91
CA ARG A 312 -10.69 -15.56 -24.03
C ARG A 312 -11.12 -14.46 -23.08
N LEU A 313 -10.17 -14.01 -22.31
CA LEU A 313 -10.41 -12.88 -21.41
C LEU A 313 -10.42 -11.59 -22.20
N PRO A 314 -11.52 -10.82 -22.21
CA PRO A 314 -11.55 -9.64 -23.08
C PRO A 314 -10.50 -8.60 -22.73
N THR A 315 -10.21 -8.45 -21.45
CA THR A 315 -9.34 -7.41 -20.95
C THR A 315 -7.86 -7.67 -21.21
N VAL A 316 -7.42 -8.93 -21.32
CA VAL A 316 -6.03 -9.20 -21.60
C VAL A 316 -5.98 -10.33 -22.61
N THR A 317 -5.51 -10.03 -23.80
CA THR A 317 -5.42 -10.98 -24.90
C THR A 317 -4.01 -11.50 -25.04
N THR A 318 -3.89 -12.83 -25.13
CA THR A 318 -2.61 -13.49 -25.38
C THR A 318 -2.49 -13.84 -26.84
N VAL A 319 -1.32 -13.52 -27.41
CA VAL A 319 -0.99 -13.78 -28.80
C VAL A 319 0.21 -14.70 -28.80
N ALA A 320 0.12 -15.81 -29.52
CA ALA A 320 1.26 -16.69 -29.65
C ALA A 320 2.38 -15.92 -30.32
N VAL A 321 3.57 -15.95 -29.72
CA VAL A 321 4.72 -15.28 -30.37
C VAL A 321 4.91 -15.86 -31.77
N PRO A 322 5.01 -15.02 -32.82
CA PRO A 322 5.15 -15.56 -34.18
C PRO A 322 6.48 -16.27 -34.36
N ALA A 323 6.45 -17.37 -35.09
CA ALA A 323 7.65 -18.19 -35.23
C ALA A 323 8.73 -17.36 -35.90
N GLY A 324 9.93 -17.40 -35.33
CA GLY A 324 11.08 -16.74 -35.89
C GLY A 324 11.45 -15.43 -35.24
N TYR A 325 10.54 -14.80 -34.52
CA TYR A 325 10.84 -13.51 -33.91
C TYR A 325 11.30 -13.67 -32.46
N ASP A 326 12.08 -12.71 -32.04
CA ASP A 326 12.36 -12.55 -30.62
C ASP A 326 11.29 -11.63 -30.05
N TRP A 327 10.46 -12.16 -29.16
CA TRP A 327 9.34 -11.34 -28.67
C TRP A 327 9.83 -10.01 -28.06
N ARG A 328 11.03 -10.01 -27.48
CA ARG A 328 11.57 -8.79 -26.89
C ARG A 328 11.79 -7.72 -27.96
N ASP A 329 12.23 -8.16 -29.15
CA ASP A 329 12.32 -7.25 -30.29
C ASP A 329 10.98 -6.61 -30.60
N ILE A 330 9.91 -7.40 -30.63
CA ILE A 330 8.59 -6.85 -30.96
C ILE A 330 8.15 -5.86 -29.90
N VAL A 331 8.23 -6.26 -28.62
CA VAL A 331 7.81 -5.39 -27.54
C VAL A 331 8.57 -4.07 -27.59
N SER A 332 9.90 -4.14 -27.76
CA SER A 332 10.72 -2.94 -27.86
C SER A 332 10.35 -2.09 -29.07
N TYR A 333 10.09 -2.73 -30.20
CA TYR A 333 9.74 -1.94 -31.38
C TYR A 333 8.46 -1.14 -31.15
N VAL A 334 7.47 -1.76 -30.50
CA VAL A 334 6.17 -1.12 -30.31
C VAL A 334 6.28 0.11 -29.41
N ILE A 335 7.09 0.05 -28.33
CA ILE A 335 7.25 1.23 -27.48
C ILE A 335 8.15 2.26 -28.18
N ASP A 336 9.23 1.78 -28.80
CA ASP A 336 10.27 2.68 -29.32
C ASP A 336 9.78 3.50 -30.51
N HIS A 337 8.90 2.92 -31.32
CA HIS A 337 8.46 3.53 -32.55
C HIS A 337 7.02 4.04 -32.51
N PHE A 338 6.22 3.57 -31.58
CA PHE A 338 4.81 3.92 -31.53
C PHE A 338 4.35 4.36 -30.15
N ASP A 339 5.26 4.40 -29.16
CA ASP A 339 5.00 4.86 -27.81
C ASP A 339 3.85 4.09 -27.17
N ILE A 340 3.75 2.81 -27.52
CA ILE A 340 2.76 1.89 -26.97
C ILE A 340 3.50 0.83 -26.19
N GLU A 341 3.01 0.57 -24.99
CA GLU A 341 3.49 -0.52 -24.18
C GLU A 341 2.61 -1.73 -24.38
N ILE A 342 3.22 -2.84 -24.72
CA ILE A 342 2.62 -4.12 -24.59
C ILE A 342 3.62 -4.94 -23.80
N MET A 343 3.23 -6.19 -23.51
CA MET A 343 4.08 -7.05 -22.71
C MET A 343 4.29 -8.39 -23.38
N GLY A 344 5.35 -9.06 -22.96
CA GLY A 344 5.45 -10.48 -23.20
C GLY A 344 4.63 -11.27 -22.20
N GLY A 345 5.10 -12.48 -21.92
CA GLY A 345 4.44 -13.40 -21.02
C GLY A 345 4.85 -13.20 -19.58
N LEU A 346 4.28 -14.02 -18.71
CA LEU A 346 4.53 -13.92 -17.29
C LEU A 346 4.34 -15.29 -16.66
N GLY A 347 5.21 -15.67 -15.73
CA GLY A 347 5.15 -17.00 -15.17
C GLY A 347 5.21 -18.08 -16.26
N PRO A 348 4.25 -19.03 -16.23
CA PRO A 348 4.28 -20.13 -17.20
C PRO A 348 4.18 -19.68 -18.65
N SER A 349 3.67 -18.49 -18.91
CA SER A 349 3.52 -18.04 -20.28
C SER A 349 4.72 -17.27 -20.77
N THR A 350 5.74 -17.09 -19.91
CA THR A 350 6.99 -16.41 -20.29
C THR A 350 7.56 -17.00 -21.57
N GLY A 351 7.84 -16.13 -22.53
CA GLY A 351 8.41 -16.48 -23.80
C GLY A 351 7.40 -16.96 -24.81
N LYS A 352 6.18 -17.27 -24.38
CA LYS A 352 5.23 -17.94 -25.23
C LYS A 352 4.23 -16.99 -25.85
N VAL A 353 4.10 -15.78 -25.31
CA VAL A 353 3.01 -14.90 -25.71
C VAL A 353 3.43 -13.45 -25.67
N LEU A 354 2.68 -12.66 -26.42
CA LEU A 354 2.54 -11.25 -26.20
C LEU A 354 1.20 -11.02 -25.53
N ARG A 355 1.12 -9.99 -24.68
CA ARG A 355 -0.10 -9.67 -23.96
C ARG A 355 -0.52 -8.23 -24.26
N ILE A 356 -1.76 -8.07 -24.69
CA ILE A 356 -2.34 -6.78 -25.07
C ILE A 356 -3.55 -6.57 -24.18
N GLY A 357 -3.54 -5.48 -23.44
CA GLY A 357 -4.62 -5.12 -22.54
C GLY A 357 -5.63 -4.16 -23.17
N LEU A 358 -6.90 -4.44 -22.93
CA LEU A 358 -8.00 -3.52 -23.25
C LEU A 358 -8.76 -3.23 -21.96
N LEU A 359 -8.43 -2.09 -21.34
CA LEU A 359 -8.83 -1.83 -19.95
C LEU A 359 -9.58 -0.51 -19.84
N GLY A 360 -10.87 -0.62 -19.58
CA GLY A 360 -11.67 0.53 -19.24
C GLY A 360 -11.65 1.53 -20.35
N CYS A 361 -11.32 2.78 -20.00
CA CYS A 361 -11.33 3.87 -20.98
C CYS A 361 -10.37 3.63 -22.13
N ASN A 362 -9.40 2.73 -21.96
N ASN A 362 -9.45 2.70 -21.99
CA ASN A 362 -8.46 2.38 -23.03
CA ASN A 362 -8.50 2.42 -23.05
C ASN A 362 -9.04 1.37 -24.00
C ASN A 362 -8.93 1.24 -23.91
N ALA A 363 -10.08 0.65 -23.59
CA ALA A 363 -10.68 -0.43 -24.38
C ALA A 363 -11.49 0.16 -25.54
N THR A 364 -10.77 0.58 -26.56
CA THR A 364 -11.36 1.29 -27.70
C THR A 364 -10.85 0.73 -29.01
N ARG A 365 -11.71 0.84 -30.04
CA ARG A 365 -11.29 0.43 -31.37
C ARG A 365 -10.10 1.26 -31.86
N GLU A 366 -10.07 2.54 -31.50
CA GLU A 366 -8.91 3.39 -31.82
C GLU A 366 -7.62 2.77 -31.31
N ASN A 367 -7.60 2.31 -30.06
CA ASN A 367 -6.38 1.74 -29.53
C ASN A 367 -6.09 0.38 -30.18
N VAL A 368 -7.13 -0.38 -30.53
CA VAL A 368 -6.90 -1.60 -31.30
C VAL A 368 -6.19 -1.26 -32.60
N ASP A 369 -6.71 -0.29 -33.33
CA ASP A 369 -6.04 0.15 -34.55
C ASP A 369 -4.59 0.58 -34.30
N ARG A 370 -4.33 1.32 -33.21
CA ARG A 370 -2.97 1.77 -32.95
C ARG A 370 -2.04 0.60 -32.73
N VAL A 371 -2.47 -0.39 -31.93
CA VAL A 371 -1.57 -1.47 -31.57
C VAL A 371 -1.40 -2.40 -32.76
N THR A 372 -2.48 -2.59 -33.55
CA THR A 372 -2.39 -3.39 -34.76
C THR A 372 -1.37 -2.79 -35.73
N GLU A 373 -1.47 -1.48 -35.97
CA GLU A 373 -0.53 -0.80 -36.83
C GLU A 373 0.89 -0.98 -36.31
N ALA A 374 1.08 -0.86 -35.00
CA ALA A 374 2.42 -0.99 -34.42
C ALA A 374 2.92 -2.41 -34.58
N LEU A 375 2.04 -3.41 -34.36
CA LEU A 375 2.46 -4.79 -34.54
C LEU A 375 2.82 -5.09 -35.98
N ARG A 376 2.01 -4.62 -36.92
CA ARG A 376 2.31 -4.78 -38.34
C ARG A 376 3.71 -4.30 -38.67
N ALA A 377 4.05 -3.09 -38.21
CA ALA A 377 5.37 -2.54 -38.44
C ALA A 377 6.45 -3.39 -37.79
N ALA A 378 6.17 -3.88 -36.58
CA ALA A 378 7.16 -4.70 -35.89
C ALA A 378 7.39 -6.00 -36.62
N LEU A 379 6.35 -6.59 -37.19
CA LEU A 379 6.56 -7.85 -37.90
C LEU A 379 7.39 -7.65 -39.16
N GLN A 380 7.36 -6.47 -39.76
CA GLN A 380 8.14 -6.35 -40.98
C GLN A 380 9.49 -5.67 -40.74
N HIS A 381 9.75 -5.18 -39.53
CA HIS A 381 11.04 -4.60 -39.22
C HIS A 381 11.86 -5.39 -38.20
N CYS A 382 11.21 -6.20 -37.35
CA CYS A 382 11.96 -7.01 -36.41
C CYS A 382 12.60 -8.19 -37.13
N PRO A 383 13.86 -8.54 -36.80
CA PRO A 383 14.57 -9.60 -37.51
C PRO A 383 14.03 -10.97 -37.21
N LYS A 384 13.97 -11.82 -38.23
CA LYS A 384 13.22 -13.07 -38.11
C LYS A 384 14.15 -14.26 -38.32
N LYS A 385 14.86 -14.63 -37.25
CA LYS A 385 15.80 -15.76 -37.26
C LYS A 385 16.32 -16.14 -38.65
N LEU B 1 -29.82 -6.77 -12.19
CA LEU B 1 -28.64 -6.65 -11.31
C LEU B 1 -29.04 -6.56 -9.83
N LEU B 2 -28.36 -7.37 -9.01
CA LEU B 2 -28.60 -7.34 -7.57
C LEU B 2 -28.37 -5.95 -7.01
N VAL B 3 -27.26 -5.31 -7.40
CA VAL B 3 -26.88 -4.02 -6.85
C VAL B 3 -26.95 -2.95 -7.95
N THR B 4 -27.68 -1.90 -7.71
CA THR B 4 -27.77 -0.84 -8.70
C THR B 4 -26.69 0.22 -8.47
N PRO B 5 -26.41 1.05 -9.46
CA PRO B 5 -25.36 2.06 -9.29
C PRO B 5 -25.63 2.92 -8.07
N PRO B 6 -24.66 3.10 -7.18
CA PRO B 6 -24.89 3.92 -5.98
C PRO B 6 -25.10 5.38 -6.36
N LYS B 7 -26.23 5.96 -5.92
CA LYS B 7 -26.54 7.32 -6.33
C LYS B 7 -25.54 8.33 -5.79
N ALA B 8 -24.96 8.04 -4.63
CA ALA B 8 -23.95 8.94 -4.07
C ALA B 8 -22.74 9.12 -4.99
N LEU B 9 -22.34 8.06 -5.68
CA LEU B 9 -21.21 8.16 -6.62
C LEU B 9 -21.54 8.97 -7.87
N LEU B 10 -22.81 9.15 -8.19
CA LEU B 10 -23.13 9.94 -9.36
C LEU B 10 -22.97 11.43 -9.10
N LYS B 11 -22.76 11.82 -7.89
CA LYS B 11 -22.48 13.20 -7.57
C LYS B 11 -20.98 13.45 -7.64
N PRO B 12 -20.55 14.67 -7.92
CA PRO B 12 -19.12 14.94 -8.02
C PRO B 12 -18.42 14.78 -6.68
N LEU B 13 -17.13 14.44 -6.77
CA LEU B 13 -16.28 14.42 -5.59
C LEU B 13 -16.04 15.85 -5.14
N SER B 14 -16.26 16.12 -3.87
CA SER B 14 -15.96 17.42 -3.29
CA SER B 14 -15.96 17.42 -3.29
C SER B 14 -15.25 17.21 -1.96
N ILE B 15 -14.17 17.96 -1.75
CA ILE B 15 -13.50 17.83 -0.47
C ILE B 15 -13.40 19.18 0.25
N PRO B 16 -13.45 19.20 1.57
CA PRO B 16 -13.31 20.45 2.31
C PRO B 16 -11.86 20.89 2.37
N ASN B 17 -11.66 22.16 2.69
CA ASN B 17 -10.35 22.76 2.82
C ASN B 17 -9.94 22.72 4.29
N GLN B 18 -8.97 21.85 4.61
CA GLN B 18 -8.62 21.57 6.00
C GLN B 18 -7.15 21.83 6.24
N LEU B 19 -6.82 22.47 7.37
CA LEU B 19 -5.43 22.68 7.74
C LEU B 19 -5.11 21.55 8.70
N LEU B 20 -4.25 20.63 8.26
CA LEU B 20 -3.95 19.45 9.06
C LEU B 20 -2.73 19.73 9.91
N LEU B 21 -2.98 20.05 11.19
CA LEU B 21 -1.94 20.25 12.19
C LEU B 21 -1.95 19.18 13.26
N GLY B 22 -2.42 17.96 12.92
CA GLY B 22 -2.20 16.80 13.76
C GLY B 22 -0.86 16.15 13.49
N PRO B 23 -0.64 15.00 14.11
CA PRO B 23 0.61 14.25 13.91
C PRO B 23 0.71 13.55 12.56
N GLY B 24 -0.16 13.92 11.62
CA GLY B 24 -0.12 13.33 10.31
C GLY B 24 -1.47 12.77 10.00
N PRO B 25 -1.80 12.69 8.73
CA PRO B 25 -1.05 13.21 7.58
C PRO B 25 -1.02 14.74 7.51
N SER B 26 -0.06 15.25 6.78
CA SER B 26 0.15 16.68 6.62
C SER B 26 -0.43 17.15 5.30
N ASN B 27 -0.66 18.46 5.19
CA ASN B 27 -1.07 19.02 3.92
C ASN B 27 0.05 18.90 2.89
N LEU B 28 -0.38 18.92 1.59
CA LEU B 28 0.49 18.76 0.46
C LEU B 28 0.81 20.11 -0.13
N PRO B 29 2.06 20.46 -0.36
CA PRO B 29 2.37 21.67 -1.09
C PRO B 29 2.01 21.54 -2.56
N PRO B 30 1.90 22.66 -3.27
CA PRO B 30 1.45 22.60 -4.68
C PRO B 30 2.24 21.67 -5.59
N ARG B 31 3.55 21.56 -5.42
CA ARG B 31 4.34 20.72 -6.31
CA ARG B 31 4.31 20.72 -6.35
C ARG B 31 3.98 19.25 -6.14
N ILE B 32 3.65 18.85 -4.91
CA ILE B 32 3.27 17.46 -4.66
C ILE B 32 1.87 17.20 -5.21
N MET B 33 0.94 18.15 -5.02
CA MET B 33 -0.37 17.99 -5.64
C MET B 33 -0.20 17.83 -7.14
N ALA B 34 0.61 18.67 -7.75
CA ALA B 34 0.74 18.64 -9.19
C ALA B 34 1.32 17.31 -9.67
N ALA B 35 2.29 16.76 -8.91
CA ALA B 35 2.82 15.46 -9.31
C ALA B 35 1.75 14.40 -9.28
N GLY B 36 0.80 14.51 -8.37
CA GLY B 36 -0.19 13.49 -8.21
C GLY B 36 -1.25 13.52 -9.26
N GLY B 37 -1.27 14.59 -10.05
CA GLY B 37 -2.23 14.71 -11.12
C GLY B 37 -1.69 14.29 -12.47
N LEU B 38 -0.56 13.62 -12.52
CA LEU B 38 0.05 13.29 -13.79
C LEU B 38 -0.46 11.97 -14.35
N GLN B 39 -0.22 11.79 -15.63
CA GLN B 39 -0.58 10.57 -16.34
C GLN B 39 0.33 9.41 -15.96
N MET B 40 -0.18 8.20 -16.20
N MET B 40 -0.16 8.21 -16.25
CA MET B 40 0.55 6.97 -15.91
CA MET B 40 0.51 6.97 -15.97
C MET B 40 1.68 6.75 -16.91
C MET B 40 1.66 6.69 -16.94
N ILE B 41 2.71 6.05 -16.44
CA ILE B 41 3.75 5.45 -17.27
C ILE B 41 3.81 3.99 -16.91
N GLY B 42 4.55 3.23 -17.70
CA GLY B 42 4.57 1.80 -17.48
C GLY B 42 5.25 1.47 -16.18
N SER B 43 4.64 0.58 -15.40
CA SER B 43 5.14 0.26 -14.08
C SER B 43 6.48 -0.48 -14.10
N MET B 44 6.95 -1.01 -15.25
CA MET B 44 8.25 -1.64 -15.32
C MET B 44 9.06 -1.05 -16.48
N SER B 45 8.77 0.21 -16.80
CA SER B 45 9.43 0.93 -17.88
C SER B 45 10.77 1.49 -17.41
N LYS B 46 11.65 1.74 -18.39
CA LYS B 46 12.95 2.32 -18.10
C LYS B 46 12.77 3.62 -17.35
N ASP B 47 11.80 4.43 -17.76
CA ASP B 47 11.52 5.70 -17.09
C ASP B 47 11.05 5.52 -15.67
N MET B 48 10.29 4.46 -15.41
CA MET B 48 9.86 4.22 -14.03
C MET B 48 11.05 3.85 -13.17
N TYR B 49 11.90 2.99 -13.69
CA TYR B 49 13.10 2.57 -12.97
C TYR B 49 13.99 3.76 -12.68
N GLN B 50 14.05 4.72 -13.59
N GLN B 50 14.01 4.73 -13.58
CA GLN B 50 14.84 5.91 -13.32
CA GLN B 50 14.82 5.94 -13.37
C GLN B 50 14.25 6.67 -12.15
C GLN B 50 14.26 6.76 -12.23
N ILE B 51 12.93 6.85 -12.15
CA ILE B 51 12.29 7.56 -11.05
C ILE B 51 12.53 6.82 -9.74
N MET B 52 12.42 5.49 -9.74
CA MET B 52 12.74 4.69 -8.56
C MET B 52 14.19 4.90 -8.11
N ASP B 53 15.12 4.94 -9.07
CA ASP B 53 16.53 5.15 -8.73
C ASP B 53 16.74 6.52 -8.08
N GLU B 54 16.03 7.53 -8.56
CA GLU B 54 16.15 8.87 -7.98
C GLU B 54 15.54 8.92 -6.59
N ILE B 55 14.43 8.20 -6.37
CA ILE B 55 13.82 8.12 -5.04
C ILE B 55 14.78 7.41 -4.10
N LYS B 56 15.42 6.36 -4.59
CA LYS B 56 16.40 5.68 -3.74
C LYS B 56 17.48 6.65 -3.31
N GLU B 57 17.96 7.48 -4.22
CA GLU B 57 18.98 8.45 -3.85
C GLU B 57 18.43 9.42 -2.83
N GLY B 58 17.18 9.84 -3.02
CA GLY B 58 16.56 10.74 -2.08
C GLY B 58 16.38 10.14 -0.71
N ILE B 59 16.07 8.83 -0.64
CA ILE B 59 16.01 8.15 0.66
C ILE B 59 17.39 8.11 1.32
N GLN B 60 18.44 7.78 0.55
CA GLN B 60 19.79 7.72 1.08
C GLN B 60 20.22 9.09 1.59
N TYR B 61 19.75 10.15 0.96
CA TYR B 61 20.04 11.48 1.45
C TYR B 61 19.32 11.77 2.76
N VAL B 62 17.99 11.59 2.81
CA VAL B 62 17.28 12.01 4.03
C VAL B 62 17.61 11.09 5.20
N PHE B 63 17.90 9.83 4.93
CA PHE B 63 18.34 8.92 5.99
C PHE B 63 19.81 9.10 6.34
N GLN B 64 20.61 9.63 5.41
CA GLN B 64 22.06 9.75 5.58
C GLN B 64 22.68 8.36 5.67
N THR B 65 22.48 7.62 4.59
CA THR B 65 23.03 6.28 4.46
C THR B 65 23.52 6.08 3.03
N ARG B 66 24.54 5.24 2.91
CA ARG B 66 24.98 4.70 1.63
C ARG B 66 24.52 3.25 1.39
N ASN B 67 23.57 2.74 2.20
CA ASN B 67 23.13 1.35 2.10
C ASN B 67 22.50 1.10 0.72
N PRO B 68 22.95 0.08 -0.02
CA PRO B 68 22.31 -0.18 -1.31
C PRO B 68 20.91 -0.79 -1.16
N LEU B 69 20.63 -1.46 -0.06
CA LEU B 69 19.33 -2.06 0.18
C LEU B 69 18.47 -0.99 0.82
N THR B 70 18.01 -0.07 -0.03
CA THR B 70 17.19 1.08 0.34
C THR B 70 16.09 1.17 -0.69
N LEU B 71 14.83 1.23 -0.23
CA LEU B 71 13.71 1.20 -1.16
C LEU B 71 12.42 1.72 -0.52
N VAL B 72 11.40 1.83 -1.36
CA VAL B 72 10.06 2.22 -0.94
C VAL B 72 9.27 0.96 -0.69
N ILE B 73 8.62 0.92 0.46
CA ILE B 73 7.58 -0.05 0.72
C ILE B 73 6.26 0.46 0.19
N SER B 74 5.53 -0.41 -0.51
CA SER B 74 4.22 -0.12 -1.07
C SER B 74 3.11 -0.27 -0.02
N GLY B 75 3.22 0.54 1.02
CA GLY B 75 2.27 0.52 2.10
C GLY B 75 2.64 1.64 3.06
N SER B 76 1.76 1.84 4.04
CA SER B 76 1.98 2.92 5.00
C SER B 76 3.12 2.58 5.98
N GLY B 77 3.35 3.49 6.94
CA GLY B 77 4.43 3.28 7.93
C GLY B 77 4.34 1.94 8.61
N HIS B 78 3.13 1.50 8.93
CA HIS B 78 2.94 0.17 9.51
C HIS B 78 3.49 -0.91 8.62
N CYS B 79 3.33 -0.71 7.31
CA CYS B 79 3.78 -1.74 6.37
C CYS B 79 5.31 -1.82 6.37
N ALA B 80 5.99 -0.69 6.56
CA ALA B 80 7.45 -0.73 6.60
C ALA B 80 7.94 -1.39 7.87
N LEU B 81 7.25 -1.11 8.99
CA LEU B 81 7.58 -1.79 10.24
C LEU B 81 7.41 -3.29 10.09
N GLU B 82 6.28 -3.70 9.50
CA GLU B 82 6.01 -5.12 9.33
C GLU B 82 7.03 -5.75 8.40
N ALA B 83 7.44 -5.00 7.36
CA ALA B 83 8.44 -5.51 6.43
C ALA B 83 9.77 -5.74 7.13
N ALA B 84 10.17 -4.79 7.96
CA ALA B 84 11.38 -4.96 8.76
C ALA B 84 11.30 -6.21 9.60
N LEU B 85 10.20 -6.37 10.36
CA LEU B 85 10.10 -7.45 11.33
C LEU B 85 9.96 -8.80 10.64
N VAL B 86 9.07 -8.90 9.64
CA VAL B 86 8.81 -10.20 9.03
C VAL B 86 10.05 -10.73 8.32
N ASN B 87 10.95 -9.86 7.87
CA ASN B 87 12.16 -10.30 7.15
C ASN B 87 13.32 -10.55 8.09
N VAL B 88 13.46 -9.73 9.13
CA VAL B 88 14.59 -9.89 10.05
C VAL B 88 14.32 -10.99 11.04
N LEU B 89 13.11 -11.09 11.54
CA LEU B 89 12.84 -12.03 12.62
C LEU B 89 12.30 -13.34 12.09
N GLU B 90 12.99 -14.47 12.50
CA GLU B 90 12.49 -15.83 12.38
C GLU B 90 11.73 -16.22 13.62
N PRO B 91 10.78 -17.15 13.53
CA PRO B 91 10.12 -17.65 14.75
C PRO B 91 11.15 -18.06 15.80
N GLY B 92 10.94 -17.61 17.02
CA GLY B 92 11.82 -17.90 18.12
C GLY B 92 12.93 -16.91 18.34
N ASP B 93 13.13 -15.98 17.41
CA ASP B 93 14.15 -14.98 17.60
C ASP B 93 13.76 -14.09 18.77
N SER B 94 14.76 -13.73 19.55
CA SER B 94 14.61 -12.79 20.66
C SER B 94 14.56 -11.37 20.11
N PHE B 95 13.55 -10.64 20.57
CA PHE B 95 13.19 -9.32 20.05
C PHE B 95 12.96 -8.41 21.24
N LEU B 96 13.82 -7.40 21.38
CA LEU B 96 13.77 -6.39 22.43
C LEU B 96 13.09 -5.15 21.87
N VAL B 97 12.11 -4.61 22.60
CA VAL B 97 11.23 -3.56 22.08
C VAL B 97 11.14 -2.44 23.10
N GLY B 98 11.55 -1.22 22.69
CA GLY B 98 11.24 -0.01 23.45
C GLY B 98 9.75 0.34 23.45
N ALA B 99 9.00 -0.26 24.36
CA ALA B 99 7.53 -0.13 24.40
C ALA B 99 7.15 1.06 25.26
N ASN B 100 7.44 2.26 24.73
CA ASN B 100 7.13 3.52 25.42
C ASN B 100 6.01 4.31 24.75
N GLY B 101 5.14 3.65 23.99
CA GLY B 101 4.09 4.35 23.27
C GLY B 101 3.41 3.39 22.32
N ILE B 102 2.52 3.91 21.49
CA ILE B 102 1.78 3.00 20.64
C ILE B 102 2.72 2.31 19.64
N TRP B 103 3.81 2.95 19.25
CA TRP B 103 4.62 2.38 18.16
C TRP B 103 5.41 1.15 18.63
N GLY B 104 6.08 1.24 19.79
CA GLY B 104 6.59 0.04 20.42
C GLY B 104 5.53 -1.03 20.66
N GLN B 105 4.32 -0.65 21.07
CA GLN B 105 3.26 -1.63 21.28
C GLN B 105 2.91 -2.32 19.97
N ARG B 106 2.89 -1.57 18.88
CA ARG B 106 2.60 -2.21 17.60
C ARG B 106 3.73 -3.15 17.19
N ALA B 107 4.99 -2.78 17.48
CA ALA B 107 6.10 -3.68 17.20
C ALA B 107 5.96 -4.98 18.00
N VAL B 108 5.54 -4.88 19.27
CA VAL B 108 5.28 -6.08 20.09
C VAL B 108 4.25 -6.96 19.43
N ASP B 109 3.15 -6.34 18.97
CA ASP B 109 2.04 -7.07 18.37
C ASP B 109 2.50 -7.84 17.14
N ILE B 110 3.21 -7.17 16.25
CA ILE B 110 3.74 -7.81 15.05
C ILE B 110 4.75 -8.88 15.41
N GLY B 111 5.64 -8.59 16.35
CA GLY B 111 6.62 -9.59 16.75
C GLY B 111 5.96 -10.83 17.28
N GLU B 112 4.90 -10.67 18.07
CA GLU B 112 4.18 -11.81 18.60
C GLU B 112 3.57 -12.63 17.48
N ARG B 113 2.91 -11.94 16.53
CA ARG B 113 2.21 -12.64 15.44
C ARG B 113 3.16 -13.46 14.59
N ILE B 114 4.37 -12.98 14.41
CA ILE B 114 5.32 -13.67 13.55
C ILE B 114 6.23 -14.61 14.37
N GLY B 115 5.84 -14.89 15.61
CA GLY B 115 6.48 -15.94 16.39
C GLY B 115 7.79 -15.57 17.05
N ALA B 116 8.13 -14.30 17.13
CA ALA B 116 9.32 -13.90 17.85
C ALA B 116 9.08 -14.03 19.35
N ARG B 117 10.15 -14.23 20.12
N ARG B 117 10.19 -14.13 20.08
CA ARG B 117 9.98 -14.16 21.58
CA ARG B 117 10.22 -14.09 21.54
C ARG B 117 10.26 -12.72 21.96
C ARG B 117 10.33 -12.63 21.93
N VAL B 118 9.19 -12.00 22.23
CA VAL B 118 9.17 -10.55 22.38
C VAL B 118 9.43 -10.23 23.85
N HIS B 119 10.31 -9.26 24.07
CA HIS B 119 10.67 -8.76 25.40
C HIS B 119 10.45 -7.27 25.42
N PRO B 120 9.27 -6.81 25.83
CA PRO B 120 9.01 -5.38 25.91
C PRO B 120 9.73 -4.77 27.10
N MET B 121 10.44 -3.67 26.87
CA MET B 121 10.84 -2.74 27.91
C MET B 121 9.72 -1.71 28.02
N THR B 122 8.79 -1.92 28.94
CA THR B 122 7.62 -1.07 29.01
C THR B 122 7.93 0.22 29.75
N LYS B 123 7.35 1.29 29.25
CA LYS B 123 7.47 2.60 29.86
C LYS B 123 6.13 3.30 29.74
N ASP B 124 5.88 4.22 30.65
CA ASP B 124 4.64 4.95 30.62
C ASP B 124 4.75 6.05 29.57
N PRO B 125 3.64 6.53 29.06
CA PRO B 125 3.71 7.61 28.07
C PRO B 125 4.51 8.77 28.59
N GLY B 126 5.44 9.23 27.77
CA GLY B 126 6.40 10.24 28.15
C GLY B 126 7.77 9.69 28.44
N GLY B 127 7.91 8.39 28.64
CA GLY B 127 9.21 7.82 28.93
C GLY B 127 10.11 7.69 27.69
N HIS B 128 11.40 7.56 27.93
CA HIS B 128 12.38 7.31 26.89
C HIS B 128 13.45 6.38 27.45
N TYR B 129 14.27 5.80 26.56
CA TYR B 129 15.23 4.78 27.02
C TYR B 129 16.63 5.36 27.14
N THR B 130 17.30 5.05 28.26
CA THR B 130 18.71 5.39 28.39
C THR B 130 19.55 4.23 27.87
N LEU B 131 20.82 4.52 27.66
CA LEU B 131 21.72 3.45 27.24
C LEU B 131 21.78 2.35 28.27
N GLN B 132 21.74 2.70 29.56
CA GLN B 132 21.84 1.68 30.60
C GLN B 132 20.60 0.79 30.62
N GLU B 133 19.43 1.37 30.37
CA GLU B 133 18.21 0.57 30.30
C GLU B 133 18.27 -0.42 29.14
N VAL B 134 18.74 0.04 28.00
CA VAL B 134 18.82 -0.83 26.81
C VAL B 134 19.85 -1.90 27.02
N GLU B 135 21.02 -1.53 27.59
CA GLU B 135 22.04 -2.53 27.83
C GLU B 135 21.56 -3.59 28.81
N GLU B 136 20.75 -3.21 29.80
CA GLU B 136 20.22 -4.22 30.70
C GLU B 136 19.31 -5.20 29.94
N GLY B 137 18.50 -4.70 29.02
CA GLY B 137 17.69 -5.60 28.23
C GLY B 137 18.53 -6.44 27.29
N LEU B 138 19.57 -5.85 26.70
CA LEU B 138 20.44 -6.58 25.77
C LEU B 138 21.15 -7.72 26.48
N ALA B 139 21.57 -7.47 27.72
CA ALA B 139 22.28 -8.49 28.47
C ALA B 139 21.32 -9.57 28.92
N GLN B 140 20.14 -9.18 29.37
CA GLN B 140 19.21 -10.13 29.95
C GLN B 140 18.49 -10.97 28.89
N HIS B 141 18.21 -10.41 27.72
CA HIS B 141 17.33 -11.06 26.76
C HIS B 141 18.03 -11.57 25.51
N LYS B 142 19.30 -11.22 25.31
CA LYS B 142 20.10 -11.69 24.18
C LYS B 142 19.31 -11.56 22.87
N PRO B 143 18.92 -10.35 22.49
CA PRO B 143 18.10 -10.18 21.28
C PRO B 143 18.95 -10.12 20.02
N VAL B 144 18.37 -10.61 18.93
CA VAL B 144 18.93 -10.37 17.61
C VAL B 144 18.54 -9.00 17.07
N LEU B 145 17.51 -8.37 17.66
CA LEU B 145 16.99 -7.10 17.19
C LEU B 145 16.43 -6.28 18.34
N LEU B 146 16.74 -4.99 18.33
CA LEU B 146 16.13 -4.00 19.20
C LEU B 146 15.33 -3.04 18.32
N PHE B 147 14.09 -2.75 18.75
CA PHE B 147 13.25 -1.71 18.13
C PHE B 147 13.22 -0.50 19.04
N LEU B 148 13.55 0.68 18.49
CA LEU B 148 13.42 1.94 19.19
C LEU B 148 12.65 2.93 18.32
N THR B 149 11.68 3.61 18.92
CA THR B 149 11.01 4.69 18.24
C THR B 149 11.84 5.95 18.41
N HIS B 150 12.15 6.63 17.30
CA HIS B 150 12.89 7.87 17.38
C HIS B 150 11.97 9.02 17.75
N GLY B 151 10.95 9.23 16.94
CA GLY B 151 9.96 10.27 17.20
C GLY B 151 8.67 9.64 17.68
N GLU B 152 8.41 9.70 18.99
CA GLU B 152 7.28 8.97 19.56
C GLU B 152 6.10 9.91 19.42
N SER B 153 5.44 9.83 18.26
CA SER B 153 4.39 10.79 17.95
C SER B 153 3.16 10.62 18.83
N SER B 154 3.01 9.49 19.53
CA SER B 154 1.86 9.35 20.42
C SER B 154 2.12 10.01 21.77
N THR B 155 3.38 10.31 22.08
CA THR B 155 3.71 10.93 23.37
C THR B 155 4.50 12.22 23.23
N GLY B 156 4.91 12.60 22.03
CA GLY B 156 5.70 13.79 21.85
C GLY B 156 7.16 13.67 22.24
N VAL B 157 7.69 12.45 22.34
CA VAL B 157 9.04 12.23 22.88
C VAL B 157 10.03 12.04 21.74
N LEU B 158 11.18 12.69 21.89
CA LEU B 158 12.35 12.54 21.01
C LEU B 158 13.38 11.65 21.70
N GLN B 159 13.49 10.42 21.22
CA GLN B 159 14.38 9.41 21.79
C GLN B 159 15.81 9.71 21.34
N PRO B 160 16.76 9.93 22.25
CA PRO B 160 18.16 10.02 21.83
C PRO B 160 18.59 8.75 21.11
N LEU B 161 19.44 8.90 20.11
CA LEU B 161 19.94 7.75 19.35
C LEU B 161 21.44 7.54 19.39
N ASP B 162 22.24 8.57 19.69
CA ASP B 162 23.69 8.41 19.73
C ASP B 162 24.10 7.25 20.66
N GLY B 163 25.03 6.44 20.17
CA GLY B 163 25.55 5.32 20.94
C GLY B 163 24.68 4.08 21.05
N PHE B 164 23.41 4.13 20.65
CA PHE B 164 22.57 2.95 20.77
C PHE B 164 22.93 1.89 19.73
N GLY B 165 23.25 2.31 18.51
CA GLY B 165 23.73 1.37 17.51
C GLY B 165 25.00 0.63 17.91
N GLU B 166 26.03 1.38 18.33
CA GLU B 166 27.26 0.76 18.86
C GLU B 166 26.97 -0.21 19.99
N LEU B 167 26.15 0.20 20.98
CA LEU B 167 25.83 -0.69 22.09
C LEU B 167 25.19 -1.96 21.58
N CYS B 168 24.23 -1.84 20.66
N CYS B 168 24.22 -1.84 20.67
CA CYS B 168 23.56 -3.03 20.14
CA CYS B 168 23.56 -3.02 20.13
C CYS B 168 24.55 -3.96 19.46
C CYS B 168 24.56 -3.96 19.47
N HIS B 169 25.51 -3.40 18.73
CA HIS B 169 26.42 -4.22 17.96
C HIS B 169 27.35 -4.99 18.90
N ARG B 170 27.71 -4.40 20.04
CA ARG B 170 28.53 -5.10 21.02
C ARG B 170 27.85 -6.36 21.52
N TYR B 171 26.52 -6.36 21.61
CA TYR B 171 25.72 -7.51 21.98
C TYR B 171 25.23 -8.27 20.75
N LYS B 172 25.81 -7.99 19.59
CA LYS B 172 25.47 -8.69 18.35
C LYS B 172 23.98 -8.57 18.06
N CYS B 173 23.47 -7.36 18.26
CA CYS B 173 22.05 -7.05 18.09
C CYS B 173 21.93 -6.01 16.99
N LEU B 174 20.89 -6.15 16.18
CA LEU B 174 20.58 -5.19 15.16
C LEU B 174 19.71 -4.10 15.75
N LEU B 175 19.94 -2.88 15.31
CA LEU B 175 19.14 -1.72 15.72
C LEU B 175 18.17 -1.34 14.61
N LEU B 176 16.88 -1.40 14.92
CA LEU B 176 15.79 -0.96 14.06
C LEU B 176 15.16 0.27 14.68
N VAL B 177 15.06 1.34 13.91
CA VAL B 177 14.54 2.60 14.40
C VAL B 177 13.33 3.03 13.59
N ASP B 178 12.29 3.48 14.28
CA ASP B 178 11.12 4.10 13.64
C ASP B 178 11.39 5.60 13.58
N SER B 179 11.50 6.14 12.35
CA SER B 179 11.64 7.58 12.16
C SER B 179 10.50 8.16 11.33
N VAL B 180 9.31 7.57 11.41
CA VAL B 180 8.15 8.06 10.63
C VAL B 180 7.87 9.51 10.96
N ALA B 181 7.84 9.84 12.25
CA ALA B 181 7.49 11.19 12.68
C ALA B 181 8.70 12.09 12.83
N SER B 182 9.91 11.53 12.88
CA SER B 182 11.10 12.35 13.14
C SER B 182 11.82 12.78 11.87
N LEU B 183 11.73 11.99 10.80
CA LEU B 183 12.54 12.22 9.61
C LEU B 183 12.23 13.58 9.04
N GLY B 184 13.28 14.36 8.76
CA GLY B 184 13.13 15.70 8.22
C GLY B 184 13.00 16.78 9.27
N GLY B 185 12.66 16.40 10.49
CA GLY B 185 12.29 17.36 11.50
C GLY B 185 13.26 17.46 12.65
N THR B 186 14.23 16.54 12.70
CA THR B 186 15.15 16.43 13.82
C THR B 186 16.36 15.62 13.37
N PRO B 187 17.51 15.79 14.01
CA PRO B 187 18.72 15.17 13.47
C PRO B 187 18.67 13.65 13.50
N LEU B 188 19.14 13.05 12.40
CA LEU B 188 19.12 11.61 12.22
C LEU B 188 20.19 11.29 11.20
N TYR B 189 21.04 10.30 11.51
CA TYR B 189 22.19 9.98 10.66
C TYR B 189 22.35 8.47 10.66
N MET B 190 21.78 7.80 9.66
CA MET B 190 21.60 6.36 9.78
C MET B 190 22.94 5.62 9.96
N ASP B 191 23.85 5.83 9.02
CA ASP B 191 25.15 5.17 9.07
C ASP B 191 25.98 5.63 10.26
N ARG B 192 26.12 6.93 10.43
CA ARG B 192 26.84 7.48 11.59
C ARG B 192 26.34 6.91 12.90
N GLN B 193 25.02 6.77 13.07
CA GLN B 193 24.45 6.31 14.33
C GLN B 193 24.35 4.78 14.45
N GLY B 194 24.91 4.03 13.51
CA GLY B 194 24.94 2.58 13.62
C GLY B 194 23.60 1.91 13.55
N ILE B 195 22.63 2.54 12.86
CA ILE B 195 21.28 1.99 12.75
C ILE B 195 21.27 0.96 11.61
N ASP B 196 20.72 -0.22 11.90
CA ASP B 196 20.71 -1.29 10.93
C ASP B 196 19.46 -1.26 10.05
N ILE B 197 18.29 -0.97 10.63
CA ILE B 197 17.08 -0.83 9.85
C ILE B 197 16.45 0.49 10.24
N LEU B 198 16.18 1.32 9.25
CA LEU B 198 15.59 2.62 9.49
C LEU B 198 14.37 2.74 8.58
N TYR B 199 13.23 3.15 9.12
CA TYR B 199 12.09 3.39 8.25
C TYR B 199 11.40 4.70 8.58
N SER B 200 10.68 5.19 7.58
CA SER B 200 9.87 6.38 7.79
C SER B 200 8.65 6.25 6.88
N GLY B 201 7.78 7.26 6.93
CA GLY B 201 6.57 7.32 6.12
C GLY B 201 6.50 8.55 5.26
N SER B 202 5.62 8.53 4.27
CA SER B 202 5.58 9.59 3.29
C SER B 202 4.82 10.82 3.79
N GLN B 203 3.88 10.65 4.72
CA GLN B 203 2.88 11.67 4.98
C GLN B 203 3.20 12.57 6.16
N LYS B 204 4.40 12.47 6.74
CA LYS B 204 4.70 13.34 7.87
C LYS B 204 5.47 14.55 7.35
N ALA B 205 6.71 14.74 7.78
CA ALA B 205 7.39 15.97 7.42
C ALA B 205 7.70 16.05 5.94
N LEU B 206 7.64 14.93 5.22
CA LEU B 206 7.89 15.00 3.79
C LEU B 206 6.71 15.60 3.03
N ASN B 207 5.53 15.66 3.65
CA ASN B 207 4.33 16.21 3.01
C ASN B 207 3.94 15.47 1.74
N ALA B 208 4.19 14.17 1.63
CA ALA B 208 3.62 13.44 0.53
C ALA B 208 2.35 12.77 0.98
N PRO B 209 1.54 12.26 0.06
CA PRO B 209 0.33 11.56 0.47
C PRO B 209 0.68 10.30 1.27
N PRO B 210 -0.19 9.91 2.17
CA PRO B 210 0.05 8.64 2.87
C PRO B 210 -0.10 7.46 1.94
N GLY B 211 0.63 6.39 2.28
CA GLY B 211 0.42 5.12 1.62
C GLY B 211 1.71 4.49 1.14
N THR B 212 2.83 5.23 1.16
CA THR B 212 4.17 4.72 0.90
C THR B 212 5.05 4.96 2.11
N SER B 213 6.15 4.21 2.14
CA SER B 213 7.05 4.30 3.26
C SER B 213 8.47 3.98 2.76
N LEU B 214 9.42 4.41 3.54
CA LEU B 214 10.82 4.41 3.18
C LEU B 214 11.53 3.48 4.15
N ILE B 215 12.43 2.65 3.63
CA ILE B 215 13.15 1.72 4.48
C ILE B 215 14.56 1.54 3.94
N SER B 216 15.51 1.35 4.85
CA SER B 216 16.87 1.00 4.50
C SER B 216 17.37 -0.05 5.48
N PHE B 217 18.28 -0.88 4.98
CA PHE B 217 18.86 -1.99 5.72
C PHE B 217 20.37 -1.96 5.55
N SER B 218 21.10 -2.07 6.67
CA SER B 218 22.56 -2.19 6.67
C SER B 218 22.97 -3.57 6.17
N ASP B 219 24.27 -3.71 5.92
CA ASP B 219 24.80 -5.02 5.53
C ASP B 219 24.59 -6.05 6.63
N LYS B 220 24.67 -5.64 7.90
CA LYS B 220 24.40 -6.57 8.99
C LYS B 220 22.95 -7.06 8.93
N ALA B 221 22.00 -6.16 8.69
CA ALA B 221 20.61 -6.59 8.56
C ALA B 221 20.41 -7.44 7.32
N LYS B 222 21.00 -7.05 6.22
CA LYS B 222 20.89 -7.85 5.01
C LYS B 222 21.39 -9.27 5.25
N LYS B 223 22.52 -9.41 5.91
CA LYS B 223 23.05 -10.74 6.18
C LYS B 223 22.03 -11.58 6.94
N LYS B 224 21.41 -11.03 7.99
CA LYS B 224 20.41 -11.79 8.71
C LYS B 224 19.22 -12.14 7.84
N MET B 225 18.72 -11.20 7.03
CA MET B 225 17.54 -11.52 6.22
C MET B 225 17.84 -12.54 5.14
N TYR B 226 19.05 -12.52 4.59
CA TYR B 226 19.41 -13.45 3.54
C TYR B 226 20.01 -14.74 4.05
N SER B 227 20.06 -14.95 5.36
CA SER B 227 20.67 -16.14 5.93
C SER B 227 19.66 -17.04 6.64
N ARG B 228 18.39 -16.64 6.67
CA ARG B 228 17.39 -17.38 7.45
C ARG B 228 17.00 -18.67 6.74
N LYS B 229 16.57 -19.65 7.53
CA LYS B 229 16.25 -20.97 7.01
C LYS B 229 14.73 -21.20 6.91
N THR B 230 13.97 -20.13 7.10
CA THR B 230 12.55 -20.08 6.81
C THR B 230 12.32 -18.89 5.87
N LYS B 231 11.31 -19.03 5.03
CA LYS B 231 10.83 -17.90 4.25
C LYS B 231 10.03 -16.97 5.16
N PRO B 232 10.09 -15.67 4.94
CA PRO B 232 9.22 -14.76 5.70
C PRO B 232 7.75 -15.07 5.46
N PHE B 233 6.91 -14.76 6.46
CA PHE B 233 5.51 -15.10 6.32
C PHE B 233 4.83 -14.29 5.24
N SER B 234 5.47 -13.28 4.72
CA SER B 234 4.87 -12.42 3.72
C SER B 234 5.57 -12.56 2.39
N PHE B 235 4.78 -12.71 1.33
CA PHE B 235 5.28 -12.55 -0.02
C PHE B 235 5.34 -11.07 -0.41
N TYR B 236 4.27 -10.31 -0.14
CA TYR B 236 4.21 -8.92 -0.57
C TYR B 236 5.40 -8.13 -0.05
N LEU B 237 5.92 -8.49 1.13
CA LEU B 237 6.97 -7.75 1.79
C LEU B 237 8.28 -8.52 1.82
N ASP B 238 8.41 -9.55 1.01
CA ASP B 238 9.64 -10.33 0.99
C ASP B 238 10.77 -9.47 0.44
N ILE B 239 11.81 -9.28 1.24
CA ILE B 239 12.86 -8.32 0.90
C ILE B 239 13.70 -8.80 -0.28
N LYS B 240 13.85 -10.13 -0.45
CA LYS B 240 14.58 -10.60 -1.61
C LYS B 240 13.91 -10.17 -2.89
N TRP B 241 12.60 -10.32 -2.93
CA TRP B 241 11.85 -9.89 -4.10
C TRP B 241 11.91 -8.38 -4.25
N LEU B 242 11.72 -7.65 -3.16
CA LEU B 242 11.69 -6.19 -3.27
C LEU B 242 13.05 -5.64 -3.66
N ALA B 243 14.09 -6.17 -3.02
CA ALA B 243 15.45 -5.74 -3.36
C ALA B 243 15.71 -5.89 -4.84
N ASN B 244 15.34 -7.05 -5.40
CA ASN B 244 15.52 -7.25 -6.82
C ASN B 244 14.79 -6.18 -7.61
N PHE B 245 13.50 -5.98 -7.34
CA PHE B 245 12.74 -5.14 -8.24
C PHE B 245 13.22 -3.70 -8.12
N TRP B 246 13.66 -3.32 -6.92
CA TRP B 246 14.18 -1.99 -6.73
C TRP B 246 15.64 -1.85 -7.14
N GLY B 247 16.20 -2.84 -7.83
CA GLY B 247 17.55 -2.68 -8.38
C GLY B 247 18.66 -2.66 -7.35
N CYS B 248 18.51 -3.45 -6.28
CA CYS B 248 19.49 -3.54 -5.22
C CYS B 248 20.37 -4.76 -5.30
N ASP B 249 20.16 -5.65 -6.26
CA ASP B 249 21.00 -6.85 -6.31
C ASP B 249 21.56 -7.02 -7.70
N ASP B 250 22.10 -8.19 -7.95
CA ASP B 250 22.94 -8.44 -9.10
C ASP B 250 22.16 -8.91 -10.32
N GLN B 251 20.84 -9.00 -10.22
CA GLN B 251 19.97 -9.66 -11.20
C GLN B 251 19.03 -8.68 -11.89
N PRO B 252 18.62 -8.99 -13.11
CA PRO B 252 17.58 -8.20 -13.77
C PRO B 252 16.36 -8.06 -12.87
N ARG B 253 15.75 -6.88 -12.91
CA ARG B 253 14.52 -6.62 -12.18
C ARG B 253 13.42 -7.52 -12.70
N MET B 254 12.85 -8.30 -11.80
CA MET B 254 11.74 -9.21 -12.03
C MET B 254 10.45 -8.60 -11.47
N TYR B 255 9.33 -8.88 -12.16
CA TYR B 255 8.01 -8.50 -11.64
C TYR B 255 7.69 -9.16 -10.30
N HIS B 256 7.37 -8.33 -9.31
CA HIS B 256 6.96 -8.81 -7.99
C HIS B 256 5.52 -8.41 -7.72
N HIS B 257 5.27 -7.11 -7.56
CA HIS B 257 3.95 -6.52 -7.48
C HIS B 257 4.06 -5.18 -8.21
N THR B 258 2.93 -4.66 -8.65
CA THR B 258 2.92 -3.33 -9.25
C THR B 258 3.12 -2.25 -8.21
N ILE B 259 4.14 -1.42 -8.40
CA ILE B 259 4.40 -0.33 -7.49
C ILE B 259 3.40 0.80 -7.77
N PRO B 260 3.17 1.64 -6.82
CA PRO B 260 2.19 2.74 -6.95
C PRO B 260 2.78 3.93 -7.70
N VAL B 261 2.84 3.78 -9.00
CA VAL B 261 3.49 4.71 -9.91
C VAL B 261 3.20 6.17 -9.54
N ILE B 262 1.93 6.55 -9.43
CA ILE B 262 1.61 7.95 -9.18
C ILE B 262 2.10 8.40 -7.82
N SER B 263 1.91 7.57 -6.78
CA SER B 263 2.47 7.91 -5.48
C SER B 263 3.97 8.07 -5.52
N LEU B 264 4.67 7.28 -6.36
CA LEU B 264 6.10 7.47 -6.51
C LEU B 264 6.44 8.80 -7.18
N TYR B 265 5.65 9.29 -8.12
CA TYR B 265 5.89 10.66 -8.60
C TYR B 265 5.89 11.65 -7.44
N SER B 266 4.85 11.58 -6.61
CA SER B 266 4.66 12.54 -5.54
C SER B 266 5.72 12.35 -4.45
N LEU B 267 6.08 11.09 -4.15
CA LEU B 267 7.16 10.84 -3.20
C LEU B 267 8.47 11.37 -3.74
N ARG B 268 8.74 11.14 -5.02
CA ARG B 268 9.93 11.70 -5.61
C ARG B 268 9.94 13.22 -5.44
N GLU B 269 8.82 13.90 -5.72
CA GLU B 269 8.82 15.34 -5.60
C GLU B 269 9.03 15.76 -4.15
N SER B 270 8.52 14.98 -3.21
CA SER B 270 8.72 15.35 -1.80
C SER B 270 10.18 15.25 -1.39
N LEU B 271 10.89 14.22 -1.88
CA LEU B 271 12.32 14.10 -1.62
C LEU B 271 13.12 15.20 -2.31
N ALA B 272 12.68 15.60 -3.51
CA ALA B 272 13.30 16.69 -4.23
C ALA B 272 13.17 17.99 -3.43
N LEU B 273 11.98 18.24 -2.89
CA LEU B 273 11.76 19.46 -2.12
C LEU B 273 12.68 19.53 -0.91
N ILE B 274 12.81 18.45 -0.17
CA ILE B 274 13.67 18.51 1.01
C ILE B 274 15.15 18.49 0.61
N ALA B 275 15.50 17.88 -0.51
CA ALA B 275 16.87 18.00 -1.01
C ALA B 275 17.18 19.45 -1.44
N GLU B 276 16.17 20.15 -1.95
CA GLU B 276 16.31 21.57 -2.26
C GLU B 276 16.48 22.40 -0.99
N GLN B 277 15.63 22.18 0.02
CA GLN B 277 15.75 22.92 1.28
C GLN B 277 17.07 22.62 1.98
N GLY B 278 17.44 21.36 2.05
CA GLY B 278 18.58 20.94 2.82
C GLY B 278 18.15 20.37 4.17
N LEU B 279 18.67 19.20 4.50
CA LEU B 279 18.25 18.53 5.73
C LEU B 279 18.38 19.42 6.93
N GLU B 280 19.55 20.04 7.07
CA GLU B 280 19.85 20.81 8.26
C GLU B 280 18.96 22.04 8.33
N ASN B 281 18.69 22.64 7.19
CA ASN B 281 17.73 23.74 7.18
C ASN B 281 16.35 23.26 7.61
N SER B 282 15.94 22.09 7.13
CA SER B 282 14.67 21.53 7.55
C SER B 282 14.66 21.29 9.05
N TRP B 283 15.76 20.75 9.58
CA TRP B 283 15.84 20.57 11.02
C TRP B 283 15.69 21.90 11.74
N ARG B 284 16.34 22.95 11.24
CA ARG B 284 16.23 24.26 11.88
C ARG B 284 14.80 24.77 11.85
N GLN B 285 14.16 24.66 10.68
CA GLN B 285 12.78 25.09 10.55
C GLN B 285 11.90 24.44 11.60
N HIS B 286 12.00 23.13 11.73
CA HIS B 286 11.15 22.44 12.68
C HIS B 286 11.51 22.79 14.12
N ARG B 287 12.81 22.88 14.41
CA ARG B 287 13.24 23.21 15.76
C ARG B 287 12.68 24.58 16.17
N GLU B 288 12.74 25.53 15.25
CA GLU B 288 12.31 26.88 15.57
C GLU B 288 10.79 26.98 15.61
N ALA B 289 10.10 26.34 14.67
CA ALA B 289 8.65 26.36 14.73
C ALA B 289 8.15 25.75 16.02
N ALA B 290 8.77 24.66 16.49
CA ALA B 290 8.32 24.03 17.72
C ALA B 290 8.59 24.92 18.94
N ALA B 291 9.79 25.51 18.99
CA ALA B 291 10.10 26.41 20.09
C ALA B 291 9.05 27.50 20.18
N TYR B 292 8.65 28.04 19.03
CA TYR B 292 7.62 29.07 18.99
C TYR B 292 6.28 28.53 19.46
N LEU B 293 5.86 27.39 18.94
CA LEU B 293 4.62 26.79 19.41
C LEU B 293 4.67 26.54 20.92
N HIS B 294 5.81 26.09 21.44
CA HIS B 294 5.88 25.78 22.87
C HIS B 294 5.61 27.02 23.70
N GLY B 295 6.23 28.15 23.31
CA GLY B 295 5.97 29.41 23.97
C GLY B 295 4.52 29.83 23.88
N ARG B 296 3.93 29.76 22.68
CA ARG B 296 2.55 30.21 22.53
C ARG B 296 1.58 29.31 23.30
N LEU B 297 1.87 28.02 23.39
CA LEU B 297 0.99 27.13 24.14
C LEU B 297 1.04 27.44 25.63
N GLN B 298 2.25 27.67 26.15
CA GLN B 298 2.39 27.92 27.56
C GLN B 298 1.79 29.27 27.93
N ALA B 299 1.87 30.24 27.00
CA ALA B 299 1.27 31.54 27.25
C ALA B 299 -0.23 31.43 27.35
N LEU B 300 -0.82 30.39 26.75
CA LEU B 300 -2.24 30.14 26.89
C LEU B 300 -2.57 29.53 28.23
N GLY B 301 -1.57 29.19 29.04
CA GLY B 301 -1.79 28.48 30.27
C GLY B 301 -1.79 26.98 30.11
N LEU B 302 -1.36 26.46 28.96
CA LEU B 302 -1.35 25.04 28.74
C LEU B 302 0.00 24.47 29.16
N GLN B 303 -0.03 23.20 29.59
CA GLN B 303 1.16 22.53 30.06
C GLN B 303 1.66 21.55 29.00
N LEU B 304 2.92 21.67 28.64
CA LEU B 304 3.52 20.69 27.75
C LEU B 304 3.69 19.37 28.50
N PHE B 305 3.32 18.27 27.83
CA PHE B 305 3.32 16.94 28.43
C PHE B 305 4.73 16.44 28.74
N VAL B 306 5.68 16.71 27.84
CA VAL B 306 7.06 16.29 28.02
C VAL B 306 7.76 17.41 28.80
N LYS B 307 8.20 17.11 30.03
CA LYS B 307 8.70 18.18 30.90
C LYS B 307 10.13 18.55 30.59
N ASP B 308 10.95 17.59 30.16
CA ASP B 308 12.32 17.87 29.75
C ASP B 308 12.34 18.44 28.34
N PRO B 309 12.68 19.71 28.15
CA PRO B 309 12.68 20.27 26.79
C PRO B 309 13.54 19.52 25.81
N ALA B 310 14.62 18.88 26.26
CA ALA B 310 15.48 18.17 25.31
C ALA B 310 14.79 16.95 24.76
N LEU B 311 13.77 16.44 25.43
CA LEU B 311 13.09 15.23 24.98
C LEU B 311 11.86 15.54 24.13
N ARG B 312 11.67 16.79 23.73
CA ARG B 312 10.46 17.19 23.03
C ARG B 312 10.68 16.99 21.54
N LEU B 313 9.79 16.22 20.93
CA LEU B 313 9.81 16.02 19.49
C LEU B 313 9.31 17.26 18.76
N PRO B 314 10.13 17.90 17.89
CA PRO B 314 9.65 19.11 17.19
C PRO B 314 8.39 18.89 16.39
N THR B 315 8.29 17.75 15.74
CA THR B 315 7.25 17.51 14.75
C THR B 315 5.90 17.24 15.39
N VAL B 316 5.87 16.72 16.61
CA VAL B 316 4.60 16.42 17.26
C VAL B 316 4.71 16.77 18.73
N THR B 317 3.90 17.72 19.16
CA THR B 317 3.93 18.29 20.49
C THR B 317 2.74 17.78 21.28
N THR B 318 3.03 17.21 22.44
CA THR B 318 1.97 16.77 23.30
C THR B 318 1.73 17.82 24.36
N VAL B 319 0.45 18.09 24.58
CA VAL B 319 -0.02 19.09 25.53
C VAL B 319 -0.90 18.35 26.53
N ALA B 320 -0.71 18.64 27.81
CA ALA B 320 -1.59 18.06 28.81
C ALA B 320 -3.01 18.54 28.57
N VAL B 321 -3.98 17.64 28.66
CA VAL B 321 -5.35 18.12 28.54
C VAL B 321 -5.65 18.97 29.76
N PRO B 322 -6.10 20.21 29.60
CA PRO B 322 -6.38 21.05 30.77
C PRO B 322 -7.48 20.48 31.65
N ALA B 323 -7.32 20.68 32.95
CA ALA B 323 -8.29 20.16 33.89
C ALA B 323 -9.66 20.74 33.61
N GLY B 324 -10.67 19.90 33.64
CA GLY B 324 -12.03 20.35 33.59
C GLY B 324 -12.65 20.27 32.21
N TYR B 325 -11.85 19.95 31.20
CA TYR B 325 -12.29 19.87 29.81
C TYR B 325 -12.32 18.43 29.33
N ASP B 326 -13.23 18.18 28.41
CA ASP B 326 -13.25 16.97 27.63
C ASP B 326 -12.39 17.23 26.39
N TRP B 327 -11.27 16.51 26.26
CA TRP B 327 -10.39 16.79 25.13
C TRP B 327 -11.14 16.66 23.81
N ARG B 328 -12.15 15.81 23.75
CA ARG B 328 -12.94 15.66 22.53
C ARG B 328 -13.64 16.96 22.17
N ASP B 329 -14.08 17.70 23.19
CA ASP B 329 -14.71 19.00 22.96
C ASP B 329 -13.71 19.95 22.31
N ILE B 330 -12.49 20.01 22.85
CA ILE B 330 -11.48 20.91 22.30
C ILE B 330 -11.19 20.54 20.86
N VAL B 331 -10.93 19.25 20.59
CA VAL B 331 -10.59 18.84 19.23
C VAL B 331 -11.75 19.09 18.27
N SER B 332 -12.99 18.79 18.67
N SER B 332 -12.98 18.77 18.67
CA SER B 332 -14.09 19.02 17.75
CA SER B 332 -14.12 19.01 17.79
C SER B 332 -14.34 20.50 17.57
C SER B 332 -14.31 20.50 17.57
N TYR B 333 -14.17 21.29 18.63
CA TYR B 333 -14.30 22.75 18.50
C TYR B 333 -13.37 23.26 17.41
N VAL B 334 -12.13 22.79 17.43
CA VAL B 334 -11.14 23.34 16.51
C VAL B 334 -11.43 22.94 15.06
N ILE B 335 -11.86 21.69 14.80
CA ILE B 335 -12.16 21.37 13.39
C ILE B 335 -13.50 21.96 12.97
N ASP B 336 -14.51 21.92 13.83
CA ASP B 336 -15.85 22.37 13.46
C ASP B 336 -15.87 23.86 13.18
N HIS B 337 -15.10 24.66 13.92
CA HIS B 337 -15.17 26.11 13.75
C HIS B 337 -14.11 26.67 12.84
N PHE B 338 -12.92 26.05 12.80
CA PHE B 338 -11.82 26.65 12.08
C PHE B 338 -11.32 25.80 10.92
N ASP B 339 -11.86 24.61 10.68
CA ASP B 339 -11.28 23.70 9.70
C ASP B 339 -9.83 23.37 10.00
N ILE B 340 -9.43 23.34 11.27
CA ILE B 340 -8.10 22.91 11.68
C ILE B 340 -8.23 21.57 12.37
N GLU B 341 -7.42 20.63 11.93
CA GLU B 341 -7.34 19.33 12.59
C GLU B 341 -6.18 19.30 13.58
N ILE B 342 -6.48 18.92 14.82
CA ILE B 342 -5.49 18.45 15.76
C ILE B 342 -6.01 17.12 16.28
N MET B 343 -5.25 16.50 17.19
CA MET B 343 -5.66 15.19 17.67
CA MET B 343 -5.64 15.19 17.67
C MET B 343 -5.55 15.11 19.18
N GLY B 344 -6.26 14.11 19.72
CA GLY B 344 -6.11 13.72 21.11
C GLY B 344 -4.89 12.82 21.19
N GLY B 345 -4.90 11.89 22.14
CA GLY B 345 -3.82 10.96 22.28
C GLY B 345 -4.05 9.72 21.45
N LEU B 346 -3.20 8.71 21.68
CA LEU B 346 -3.25 7.49 20.89
C LEU B 346 -2.60 6.38 21.71
N GLY B 347 -3.26 5.22 21.77
CA GLY B 347 -2.79 4.16 22.63
C GLY B 347 -2.68 4.64 24.07
N PRO B 348 -1.51 4.47 24.69
CA PRO B 348 -1.38 4.82 26.12
C PRO B 348 -1.60 6.28 26.42
N SER B 349 -1.41 7.18 25.46
CA SER B 349 -1.60 8.60 25.75
C SER B 349 -3.04 9.05 25.53
N THR B 350 -3.95 8.12 25.23
CA THR B 350 -5.34 8.45 25.00
C THR B 350 -5.96 9.06 26.25
N GLY B 351 -6.68 10.18 26.08
CA GLY B 351 -7.26 10.90 27.17
C GLY B 351 -6.31 11.80 27.92
N LYS B 352 -5.01 11.62 27.73
CA LYS B 352 -4.02 12.35 28.50
C LYS B 352 -3.51 13.61 27.81
N VAL B 353 -3.62 13.72 26.48
CA VAL B 353 -2.89 14.75 25.74
C VAL B 353 -3.70 15.18 24.52
N LEU B 354 -3.38 16.37 24.06
CA LEU B 354 -3.60 16.79 22.70
C LEU B 354 -2.27 16.71 21.98
N ARG B 355 -2.35 16.46 20.67
CA ARG B 355 -1.18 16.34 19.82
C ARG B 355 -1.30 17.33 18.68
N ILE B 356 -0.27 18.16 18.53
CA ILE B 356 -0.21 19.18 17.50
C ILE B 356 1.00 18.92 16.65
N GLY B 357 0.81 18.78 15.36
CA GLY B 357 1.89 18.47 14.45
C GLY B 357 2.39 19.70 13.71
N LEU B 358 3.70 19.77 13.56
CA LEU B 358 4.38 20.74 12.71
C LEU B 358 5.24 19.96 11.74
N LEU B 359 4.76 19.81 10.50
CA LEU B 359 5.30 18.83 9.55
C LEU B 359 5.59 19.53 8.23
N GLY B 360 6.87 19.69 7.94
CA GLY B 360 7.31 20.15 6.64
C GLY B 360 6.78 21.53 6.35
N CYS B 361 6.07 21.65 5.22
CA CYS B 361 5.51 22.92 4.78
CA CYS B 361 5.54 22.95 4.80
C CYS B 361 4.52 23.50 5.76
N ASN B 362 3.97 22.67 6.66
CA ASN B 362 3.04 23.19 7.65
C ASN B 362 3.73 23.72 8.90
N ALA B 363 5.05 23.54 9.03
CA ALA B 363 5.80 23.95 10.22
C ALA B 363 6.20 25.42 10.08
N THR B 364 5.24 26.29 10.36
CA THR B 364 5.37 27.72 10.11
C THR B 364 4.76 28.54 11.24
N ARG B 365 5.28 29.77 11.35
CA ARG B 365 4.76 30.71 12.34
C ARG B 365 3.27 30.94 12.15
N GLU B 366 2.86 31.11 10.89
CA GLU B 366 1.46 31.37 10.60
C GLU B 366 0.57 30.24 11.15
N ASN B 367 0.99 28.99 11.00
CA ASN B 367 0.16 27.89 11.47
C ASN B 367 0.18 27.75 12.99
N VAL B 368 1.32 28.03 13.62
CA VAL B 368 1.37 28.08 15.08
C VAL B 368 0.37 29.12 15.58
N ASP B 369 0.33 30.27 14.91
CA ASP B 369 -0.60 31.30 15.35
C ASP B 369 -2.03 30.85 15.17
N ARG B 370 -2.32 30.20 14.04
CA ARG B 370 -3.68 29.77 13.82
C ARG B 370 -4.10 28.76 14.85
N VAL B 371 -3.22 27.79 15.17
CA VAL B 371 -3.64 26.79 16.14
C VAL B 371 -3.71 27.40 17.54
N THR B 372 -2.86 28.39 17.81
CA THR B 372 -2.86 29.05 19.10
C THR B 372 -4.19 29.77 19.32
N GLU B 373 -4.63 30.51 18.30
CA GLU B 373 -5.91 31.21 18.41
C GLU B 373 -7.07 30.23 18.50
N ALA B 374 -6.99 29.15 17.73
CA ALA B 374 -8.02 28.12 17.80
C ALA B 374 -8.14 27.55 19.21
N LEU B 375 -7.01 27.22 19.83
CA LEU B 375 -7.06 26.68 21.18
C LEU B 375 -7.52 27.73 22.19
N ARG B 376 -7.07 28.98 22.02
CA ARG B 376 -7.58 30.04 22.86
C ARG B 376 -9.12 30.09 22.82
N ALA B 377 -9.68 30.06 21.61
CA ALA B 377 -11.13 30.02 21.45
C ALA B 377 -11.72 28.79 22.09
N ALA B 378 -11.14 27.63 21.83
CA ALA B 378 -11.72 26.41 22.33
C ALA B 378 -11.75 26.41 23.85
N LEU B 379 -10.72 26.99 24.48
CA LEU B 379 -10.68 27.06 25.94
C LEU B 379 -11.74 28.02 26.48
N GLN B 380 -12.07 29.08 25.73
CA GLN B 380 -13.08 30.03 26.15
C GLN B 380 -14.49 29.50 25.93
N HIS B 381 -14.69 28.62 24.95
CA HIS B 381 -16.02 28.28 24.51
C HIS B 381 -16.35 26.80 24.63
N CYS B 382 -15.44 25.99 25.12
CA CYS B 382 -15.77 24.58 25.38
C CYS B 382 -16.26 24.43 26.82
N PRO B 383 -17.27 23.59 27.05
CA PRO B 383 -17.77 23.41 28.42
C PRO B 383 -16.68 22.93 29.36
N LYS B 384 -16.61 23.57 30.51
CA LYS B 384 -15.70 23.18 31.58
C LYS B 384 -16.51 22.64 32.77
N LYS B 385 -16.12 21.47 33.29
CA LYS B 385 -16.87 20.84 34.38
C LYS B 385 -17.08 21.81 35.54
N LYS B 386 -18.22 21.68 36.20
CA LYS B 386 -18.67 22.61 37.23
C LYS B 386 -17.80 22.53 38.48
N1 PLR C . -4.11 -10.89 -10.35
C2 PLR C . -4.22 -10.57 -11.64
C2A PLR C . -5.20 -11.32 -12.48
C3 PLR C . -3.47 -9.56 -12.20
O3 PLR C . -3.69 -9.31 -13.57
C4 PLR C . -2.58 -8.89 -11.40
C4A PLR C . -1.62 -7.78 -11.86
C5 PLR C . -2.47 -9.26 -10.09
C6 PLR C . -3.25 -10.25 -9.56
C5A PLR C . -1.47 -8.59 -9.16
O4P PLR C . -1.75 -7.25 -9.08
P PLR C . -0.56 -6.24 -8.57
O1P PLR C . 0.49 -6.19 -9.64
O2P PLR C . 0.04 -6.71 -7.25
O3P PLR C . -1.29 -4.93 -8.42
H2A1 PLR C . -5.18 -10.99 -13.39
H2A2 PLR C . -6.09 -11.20 -12.11
H2A3 PLR C . -4.98 -12.26 -12.48
HO3 PLR C . -3.41 -9.95 -14.03
H4A1 PLR C . -1.08 -7.48 -11.11
H4A2 PLR C . -2.12 -7.04 -12.22
H4A3 PLR C . -1.03 -8.13 -12.55
H6 PLR C . -3.19 -10.48 -8.63
H5A1 PLR C . -0.56 -8.72 -9.50
H5A2 PLR C . -1.50 -8.99 -8.28
N1 PLR D . 5.37 5.41 13.52
C2 PLR D . 5.23 6.70 13.81
C2A PLR D . 6.32 7.33 14.63
C3 PLR D . 4.10 7.42 13.40
O3 PLR D . 4.06 8.75 13.79
C4 PLR D . 3.13 6.76 12.66
C4A PLR D . 1.79 7.33 12.18
C5 PLR D . 3.31 5.44 12.39
C6 PLR D . 4.43 4.77 12.81
C5A PLR D . 2.24 4.66 11.59
O4P PLR D . 2.28 5.11 10.28
P PLR D . 1.03 4.76 9.27
O1P PLR D . 1.36 5.45 7.98
O2P PLR D . 0.92 3.23 9.10
O3P PLR D . -0.28 5.26 9.88
H2A1 PLR D . 6.11 8.27 14.78
H2A2 PLR D . 7.16 7.26 14.17
H2A3 PLR D . 6.38 6.88 15.49
HO3 PLR D . 3.93 8.80 14.61
H4A1 PLR D . 1.31 6.63 11.68
H4A2 PLR D . 1.95 8.09 11.60
H4A3 PLR D . 1.26 7.60 12.94
H6 PLR D . 4.55 3.82 12.59
H5A1 PLR D . 1.37 4.80 11.97
H5A2 PLR D . 2.43 3.72 11.62
#